data_3RRL
#
_entry.id   3RRL
#
_cell.length_a   156.392
_cell.length_b   65.705
_cell.length_c   104.740
_cell.angle_alpha   90.00
_cell.angle_beta   109.81
_cell.angle_gamma   90.00
#
_symmetry.space_group_name_H-M   'C 1 2 1'
#
loop_
_entity.id
_entity.type
_entity.pdbx_description
1 polymer 'Succinyl-CoA:3-ketoacid-coenzyme A transferase subunit A'
2 polymer 'Succinyl-CoA:3-ketoacid-coenzyme A transferase subunit B'
3 non-polymer GLYCEROL
4 water water
#
loop_
_entity_poly.entity_id
_entity_poly.type
_entity_poly.pdbx_seq_one_letter_code
_entity_poly.pdbx_strand_id
1 'polypeptide(L)'
;SNA(MSE)NKVITDLDKALSALKDGDTILVGGFGLCGIPEYAIDYIYKKGIKDLIVVSNNCGVDDFGLGILLEKKQIKKI
IASYVGENKIFESQ(MSE)LNGEIEVVLTPQGTLAENLHAGGAGIPAYYTPTGVGTLIAQGKESREFNGKEYILERAITG
DYGLIKAYKSDTLGNLVFRKTARNFNPLCA(MSE)AAKICVAEVEEIVPAGELDPDEIHLPGIYVQHIYKGEKFEKRIEK
ITTRSTK
;
A,C
2 'polypeptide(L)'
;(MSE)REAIIKRAAKELKEG(MSE)YVNLGIGLPTLVANEVSG(MSE)NIVFQSENGLLGIGAYPLEGSVDADLINAGKE
TITVVPGASFFNSADSFA(MSE)IRGGHIDLAILGG(MSE)EVSQNGDLANW(MSE)IPKKLIKG(MSE)GGA(MSE)DL
VHGAKKVIVI(MSE)EHCNKYGESKVKKECSLPLTGKGVVHQLITDLAVFEFSNNA(MSE)KLVELQEGVSLDQVKEKTE
AEFEVRL
;
B,D
#
loop_
_chem_comp.id
_chem_comp.type
_chem_comp.name
_chem_comp.formula
GOL non-polymer GLYCEROL 'C3 H8 O3'
#
# COMPACT_ATOMS: atom_id res chain seq x y z
N MSE A 4 24.65 12.78 7.45
CA MSE A 4 23.79 11.59 7.38
C MSE A 4 24.15 10.74 6.17
O MSE A 4 23.34 10.61 5.24
CB MSE A 4 22.32 11.99 7.32
CG MSE A 4 21.35 10.84 7.56
SE MSE A 4 19.47 11.32 7.22
CE MSE A 4 19.39 13.00 8.20
N ASN A 5 25.35 10.20 6.17
CA ASN A 5 25.79 9.35 5.07
C ASN A 5 25.57 7.88 5.38
N LYS A 6 24.71 7.25 4.59
CA LYS A 6 24.34 5.87 4.81
C LYS A 6 25.18 4.92 3.96
N VAL A 7 26.08 5.50 3.15
CA VAL A 7 26.88 4.70 2.22
C VAL A 7 27.96 3.91 2.93
N ILE A 8 28.06 2.63 2.60
CA ILE A 8 29.12 1.78 3.14
C ILE A 8 29.77 0.99 2.02
N THR A 9 31.08 0.80 2.12
CA THR A 9 31.83 -0.01 1.17
C THR A 9 32.16 -1.41 1.67
N ASP A 10 31.78 -1.69 2.92
CA ASP A 10 32.00 -3.00 3.53
C ASP A 10 30.73 -3.42 4.26
N LEU A 11 30.12 -4.53 3.82
CA LEU A 11 28.84 -4.98 4.35
C LEU A 11 28.82 -5.28 5.85
N ASP A 12 30.00 -5.39 6.45
CA ASP A 12 30.10 -5.68 7.87
C ASP A 12 29.58 -4.50 8.67
N LYS A 13 29.81 -3.30 8.14
CA LYS A 13 29.35 -2.07 8.77
C LYS A 13 27.82 -2.09 8.90
N ALA A 14 27.22 -3.02 8.17
CA ALA A 14 25.78 -3.18 8.09
C ALA A 14 25.31 -4.43 8.85
N LEU A 15 25.88 -5.58 8.47
CA LEU A 15 25.39 -6.88 8.93
C LEU A 15 26.10 -7.51 10.14
N SER A 16 27.08 -6.82 10.72
CA SER A 16 27.89 -7.40 11.78
C SER A 16 27.05 -7.97 12.93
N ALA A 17 25.93 -7.31 13.22
CA ALA A 17 25.12 -7.71 14.38
C ALA A 17 24.12 -8.82 14.05
N LEU A 18 24.12 -9.29 12.81
CA LEU A 18 23.24 -10.36 12.41
C LEU A 18 23.67 -11.66 13.08
N LYS A 19 22.75 -12.29 13.80
CA LYS A 19 23.08 -13.44 14.63
C LYS A 19 22.18 -14.65 14.35
N ASP A 20 22.60 -15.81 14.85
CA ASP A 20 21.81 -17.03 14.74
C ASP A 20 20.41 -16.78 15.25
N GLY A 21 19.41 -17.31 14.54
CA GLY A 21 18.02 -17.22 14.97
C GLY A 21 17.29 -15.93 14.59
N ASP A 22 17.99 -15.02 13.92
CA ASP A 22 17.38 -13.77 13.48
C ASP A 22 16.41 -13.97 12.31
N THR A 23 15.52 -13.01 12.12
CA THR A 23 14.56 -13.04 11.02
C THR A 23 14.99 -12.06 9.94
N ILE A 24 15.18 -12.56 8.72
CA ILE A 24 15.58 -11.72 7.60
C ILE A 24 14.50 -11.69 6.52
N LEU A 25 14.15 -10.50 6.04
CA LEU A 25 13.23 -10.35 4.93
C LEU A 25 14.08 -10.12 3.70
N VAL A 26 13.91 -10.94 2.68
CA VAL A 26 14.83 -10.92 1.54
C VAL A 26 14.10 -10.67 0.23
N GLY A 27 14.43 -9.57 -0.43
CA GLY A 27 13.79 -9.25 -1.69
C GLY A 27 14.09 -10.23 -2.82
N GLY A 28 13.39 -10.05 -3.93
CA GLY A 28 13.59 -10.81 -5.14
C GLY A 28 12.46 -11.77 -5.49
N PHE A 29 12.32 -12.00 -6.79
CA PHE A 29 11.36 -12.93 -7.35
C PHE A 29 12.20 -13.85 -8.22
N GLY A 30 12.29 -15.11 -7.84
CA GLY A 30 13.26 -16.01 -8.44
C GLY A 30 14.66 -15.47 -8.19
N LEU A 31 15.43 -15.31 -9.26
CA LEU A 31 16.75 -14.69 -9.23
C LEU A 31 16.70 -13.21 -9.63
N CYS A 32 15.49 -12.69 -9.82
CA CYS A 32 15.29 -11.33 -10.30
C CYS A 32 15.15 -10.35 -9.14
N GLY A 33 16.13 -9.46 -9.01
CA GLY A 33 16.13 -8.49 -7.93
C GLY A 33 16.54 -9.05 -6.58
N ILE A 34 17.48 -9.99 -6.57
CA ILE A 34 17.97 -10.55 -5.31
C ILE A 34 19.21 -9.81 -4.80
N PRO A 35 19.37 -9.71 -3.47
CA PRO A 35 20.56 -9.09 -2.88
C PRO A 35 21.72 -10.09 -2.82
N GLU A 36 22.44 -10.23 -3.93
CA GLU A 36 23.51 -11.24 -4.04
C GLU A 36 24.60 -11.09 -2.98
N TYR A 37 25.00 -9.86 -2.69
CA TYR A 37 26.14 -9.61 -1.80
C TYR A 37 25.86 -9.89 -0.33
N ALA A 38 24.67 -9.48 0.13
CA ALA A 38 24.27 -9.76 1.51
C ALA A 38 24.13 -11.25 1.70
N ILE A 39 23.56 -11.92 0.70
CA ILE A 39 23.41 -13.36 0.76
C ILE A 39 24.78 -14.01 0.83
N ASP A 40 25.65 -13.61 -0.07
CA ASP A 40 27.04 -14.08 -0.05
C ASP A 40 27.65 -13.85 1.33
N TYR A 41 27.40 -12.68 1.90
CA TYR A 41 27.95 -12.33 3.21
C TYR A 41 27.48 -13.28 4.30
N ILE A 42 26.22 -13.67 4.23
CA ILE A 42 25.65 -14.57 5.24
C ILE A 42 26.18 -15.99 5.02
N TYR A 43 26.35 -16.34 3.76
CA TYR A 43 26.85 -17.65 3.38
C TYR A 43 28.28 -17.84 3.88
N LYS A 44 29.12 -16.84 3.68
CA LYS A 44 30.52 -16.94 4.09
C LYS A 44 30.69 -16.89 5.61
N LYS A 45 29.83 -16.15 6.29
CA LYS A 45 29.98 -15.99 7.73
C LYS A 45 29.40 -17.16 8.51
N GLY A 46 28.53 -17.94 7.87
CA GLY A 46 28.00 -19.14 8.50
C GLY A 46 26.83 -19.02 9.46
N ILE A 47 26.15 -17.87 9.49
CA ILE A 47 25.00 -17.67 10.36
C ILE A 47 23.95 -18.78 10.17
N LYS A 48 23.31 -19.22 11.26
CA LYS A 48 22.39 -20.34 11.18
C LYS A 48 21.08 -20.16 11.95
N ASP A 49 20.21 -21.16 11.84
CA ASP A 49 18.90 -21.14 12.50
C ASP A 49 18.13 -19.88 12.10
N LEU A 50 18.39 -19.43 10.88
CA LEU A 50 17.74 -18.24 10.35
C LEU A 50 16.28 -18.48 10.03
N ILE A 51 15.45 -17.49 10.35
CA ILE A 51 14.07 -17.45 9.85
C ILE A 51 14.07 -16.51 8.65
N VAL A 52 13.78 -17.05 7.47
CA VAL A 52 13.84 -16.28 6.24
C VAL A 52 12.44 -16.03 5.68
N VAL A 53 12.17 -14.79 5.29
CA VAL A 53 10.92 -14.46 4.61
C VAL A 53 11.29 -14.01 3.21
N SER A 54 10.83 -14.75 2.21
CA SER A 54 11.16 -14.38 0.83
C SER A 54 10.14 -15.07 -0.06
N ASN A 55 9.92 -14.54 -1.26
CA ASN A 55 8.91 -15.16 -2.12
C ASN A 55 9.31 -16.57 -2.52
N ASN A 56 10.57 -16.72 -2.92
CA ASN A 56 11.10 -18.01 -3.29
C ASN A 56 12.39 -18.28 -2.54
N CYS A 57 12.96 -19.47 -2.75
CA CYS A 57 14.28 -19.84 -2.24
C CYS A 57 15.44 -19.74 -3.25
N GLY A 58 15.22 -19.07 -4.36
CA GLY A 58 16.26 -18.97 -5.37
C GLY A 58 16.31 -20.26 -6.17
N VAL A 59 17.50 -20.73 -6.50
CA VAL A 59 17.67 -22.04 -7.13
C VAL A 59 18.73 -22.86 -6.37
N ASP A 60 19.07 -24.04 -6.89
CA ASP A 60 20.00 -24.93 -6.17
C ASP A 60 21.35 -24.27 -5.88
N ASP A 61 21.98 -23.72 -6.92
CA ASP A 61 23.32 -23.15 -6.80
C ASP A 61 23.40 -21.63 -6.62
N PHE A 62 22.27 -20.95 -6.50
CA PHE A 62 22.28 -19.48 -6.48
C PHE A 62 21.09 -18.88 -5.73
N GLY A 63 21.25 -17.64 -5.28
CA GLY A 63 20.23 -16.98 -4.49
C GLY A 63 20.20 -17.56 -3.09
N LEU A 64 19.06 -17.46 -2.42
CA LEU A 64 18.92 -17.96 -1.06
C LEU A 64 19.30 -19.42 -0.97
N GLY A 65 19.19 -20.12 -2.09
CA GLY A 65 19.53 -21.53 -2.16
C GLY A 65 20.91 -21.89 -1.62
N ILE A 66 21.89 -21.01 -1.82
CA ILE A 66 23.24 -21.34 -1.40
C ILE A 66 23.32 -21.46 0.12
N LEU A 67 22.31 -20.92 0.81
CA LEU A 67 22.27 -20.98 2.27
C LEU A 67 21.84 -22.36 2.77
N LEU A 68 21.30 -23.17 1.88
CA LEU A 68 20.83 -24.51 2.23
C LEU A 68 21.99 -25.50 2.38
N GLU A 69 23.14 -25.15 1.84
CA GLU A 69 24.29 -26.04 1.82
C GLU A 69 24.75 -26.41 3.23
N LYS A 70 24.97 -25.39 4.06
CA LYS A 70 25.34 -25.62 5.45
C LYS A 70 24.12 -25.69 6.36
N LYS A 71 22.93 -25.71 5.75
CA LYS A 71 21.70 -25.83 6.51
C LYS A 71 21.50 -24.64 7.44
N GLN A 72 21.66 -23.44 6.89
CA GLN A 72 21.67 -22.21 7.67
C GLN A 72 20.28 -21.65 7.98
N ILE A 73 19.26 -22.18 7.31
CA ILE A 73 17.88 -21.72 7.49
C ILE A 73 17.03 -22.75 8.25
N LYS A 74 16.50 -22.36 9.41
CA LYS A 74 15.62 -23.23 10.20
C LYS A 74 14.19 -23.22 9.67
N LYS A 75 13.76 -22.06 9.20
CA LYS A 75 12.37 -21.88 8.79
C LYS A 75 12.29 -20.84 7.68
N ILE A 76 11.41 -21.08 6.71
CA ILE A 76 11.22 -20.12 5.63
C ILE A 76 9.75 -19.87 5.34
N ILE A 77 9.41 -18.61 5.10
CA ILE A 77 8.07 -18.23 4.71
C ILE A 77 8.14 -17.75 3.26
N ALA A 78 7.44 -18.44 2.37
CA ALA A 78 7.58 -18.25 0.93
C ALA A 78 6.30 -18.70 0.25
N SER A 79 6.02 -18.21 -0.95
CA SER A 79 4.84 -18.70 -1.66
C SER A 79 5.12 -19.79 -2.69
N TYR A 80 6.38 -19.95 -3.09
CA TYR A 80 6.73 -20.99 -4.05
C TYR A 80 8.20 -21.36 -3.96
N VAL A 81 8.53 -22.63 -4.17
CA VAL A 81 9.94 -22.97 -4.32
C VAL A 81 10.24 -23.66 -5.66
N GLY A 82 10.02 -24.97 -5.72
CA GLY A 82 9.89 -25.73 -6.96
C GLY A 82 11.17 -26.01 -7.74
N GLU A 83 12.16 -25.13 -7.61
CA GLU A 83 13.37 -25.21 -8.43
C GLU A 83 14.58 -25.81 -7.73
N ASN A 84 14.45 -26.11 -6.44
CA ASN A 84 15.60 -26.57 -5.67
C ASN A 84 15.46 -28.01 -5.19
N LYS A 85 16.29 -28.89 -5.73
CA LYS A 85 16.30 -30.29 -5.33
C LYS A 85 16.82 -30.44 -3.91
N ILE A 86 17.88 -29.69 -3.59
CA ILE A 86 18.46 -29.73 -2.26
C ILE A 86 17.46 -29.24 -1.22
N PHE A 87 16.65 -28.27 -1.63
CA PHE A 87 15.59 -27.74 -0.78
C PHE A 87 14.64 -28.84 -0.32
N GLU A 88 13.91 -29.41 -1.28
CA GLU A 88 12.92 -30.46 -0.97
C GLU A 88 13.53 -31.59 -0.15
N SER A 89 14.82 -31.85 -0.39
CA SER A 89 15.53 -32.88 0.36
C SER A 89 15.49 -32.60 1.86
N GLN A 90 15.71 -31.33 2.21
CA GLN A 90 15.69 -30.90 3.60
C GLN A 90 14.26 -30.75 4.10
N MSE A 91 13.34 -30.46 3.18
CA MSE A 91 11.94 -30.30 3.52
C MSE A 91 11.32 -31.63 3.93
O MSE A 91 10.69 -31.73 4.99
CB MSE A 91 11.17 -29.73 2.32
CG MSE A 91 9.70 -29.41 2.63
SE MSE A 91 8.72 -28.79 1.05
CE MSE A 91 7.07 -28.23 1.92
N LEU A 92 11.51 -32.65 3.10
CA LEU A 92 11.02 -34.00 3.38
C LEU A 92 11.64 -34.52 4.67
N ASN A 93 12.97 -34.48 4.73
CA ASN A 93 13.69 -34.87 5.94
C ASN A 93 13.23 -34.06 7.15
N GLY A 94 12.72 -32.86 6.89
CA GLY A 94 12.21 -32.01 7.96
C GLY A 94 13.28 -31.19 8.64
N GLU A 95 14.46 -31.11 8.03
CA GLU A 95 15.55 -30.30 8.57
C GLU A 95 15.22 -28.81 8.49
N ILE A 96 14.17 -28.49 7.74
CA ILE A 96 13.71 -27.11 7.61
C ILE A 96 12.19 -27.02 7.61
N GLU A 97 11.67 -26.10 8.43
CA GLU A 97 10.24 -25.87 8.49
C GLU A 97 9.83 -24.92 7.38
N VAL A 98 8.87 -25.33 6.56
CA VAL A 98 8.39 -24.50 5.48
C VAL A 98 6.96 -24.07 5.71
N VAL A 99 6.72 -22.76 5.65
CA VAL A 99 5.37 -22.24 5.75
C VAL A 99 5.02 -21.61 4.40
N LEU A 100 4.16 -22.29 3.65
CA LEU A 100 3.77 -21.78 2.34
C LEU A 100 2.64 -20.79 2.52
N THR A 101 2.82 -19.61 1.93
CA THR A 101 1.88 -18.52 2.10
C THR A 101 1.50 -18.02 0.73
N PRO A 102 0.22 -17.75 0.51
CA PRO A 102 -0.20 -17.15 -0.76
C PRO A 102 0.62 -15.90 -1.04
N GLN A 103 1.14 -15.80 -2.25
CA GLN A 103 2.03 -14.72 -2.62
C GLN A 103 1.47 -13.33 -2.26
N GLY A 104 0.18 -13.11 -2.53
CA GLY A 104 -0.41 -11.82 -2.23
C GLY A 104 -0.53 -11.60 -0.74
N THR A 105 -0.66 -12.70 0.02
CA THR A 105 -0.73 -12.62 1.47
C THR A 105 0.64 -12.27 2.05
N LEU A 106 1.67 -12.88 1.49
CA LEU A 106 3.02 -12.60 1.88
C LEU A 106 3.31 -11.12 1.65
N ALA A 107 2.97 -10.65 0.46
CA ALA A 107 3.21 -9.24 0.13
C ALA A 107 2.49 -8.32 1.10
N GLU A 108 1.20 -8.57 1.32
CA GLU A 108 0.41 -7.68 2.15
C GLU A 108 0.79 -7.78 3.62
N ASN A 109 1.12 -8.99 4.07
CA ASN A 109 1.64 -9.14 5.43
C ASN A 109 2.86 -8.26 5.66
N LEU A 110 3.71 -8.16 4.64
CA LEU A 110 4.90 -7.33 4.73
C LEU A 110 4.50 -5.87 4.73
N HIS A 111 3.59 -5.52 3.83
CA HIS A 111 3.07 -4.16 3.80
C HIS A 111 2.52 -3.79 5.18
N ALA A 112 1.67 -4.66 5.74
CA ALA A 112 1.09 -4.40 7.05
C ALA A 112 2.17 -4.18 8.11
N GLY A 113 3.20 -5.00 8.08
CA GLY A 113 4.31 -4.90 9.02
C GLY A 113 5.06 -3.58 8.94
N GLY A 114 5.25 -3.07 7.73
CA GLY A 114 5.90 -1.78 7.56
C GLY A 114 4.97 -0.63 7.88
N ALA A 115 3.67 -0.86 7.74
CA ALA A 115 2.69 0.21 7.89
C ALA A 115 2.04 0.30 9.28
N GLY A 116 2.44 -0.57 10.19
CA GLY A 116 1.96 -0.52 11.56
C GLY A 116 0.58 -1.13 11.74
N ILE A 117 0.20 -1.98 10.80
CA ILE A 117 -1.04 -2.71 10.86
C ILE A 117 -0.76 -4.14 11.30
N PRO A 118 -1.21 -4.51 12.51
CA PRO A 118 -0.93 -5.82 13.12
C PRO A 118 -1.63 -6.97 12.40
N ALA A 119 -2.83 -6.72 11.89
CA ALA A 119 -3.62 -7.76 11.23
C ALA A 119 -4.67 -7.14 10.32
N TYR A 120 -5.13 -7.92 9.34
CA TYR A 120 -6.14 -7.49 8.39
C TYR A 120 -6.84 -8.72 7.86
N TYR A 121 -7.99 -8.54 7.22
CA TYR A 121 -8.73 -9.67 6.67
C TYR A 121 -8.58 -9.82 5.17
N THR A 122 -8.48 -11.06 4.72
CA THR A 122 -8.30 -11.33 3.31
C THR A 122 -9.18 -12.51 2.88
N PRO A 123 -9.71 -12.44 1.65
CA PRO A 123 -10.47 -13.55 1.08
C PRO A 123 -9.56 -14.71 0.68
N THR A 124 -8.28 -14.41 0.45
CA THR A 124 -7.34 -15.37 -0.10
C THR A 124 -7.05 -16.48 0.89
N GLY A 125 -7.26 -17.73 0.46
CA GLY A 125 -6.99 -18.89 1.31
C GLY A 125 -8.20 -19.42 2.06
N VAL A 126 -9.31 -18.70 2.00
CA VAL A 126 -10.55 -19.19 2.61
C VAL A 126 -10.84 -20.58 2.05
N GLY A 127 -11.28 -21.48 2.91
CA GLY A 127 -11.66 -22.82 2.49
C GLY A 127 -10.52 -23.70 1.99
N THR A 128 -9.30 -23.41 2.43
CA THR A 128 -8.13 -24.23 2.08
C THR A 128 -7.30 -24.51 3.32
N LEU A 129 -6.19 -25.23 3.13
CA LEU A 129 -5.27 -25.53 4.24
C LEU A 129 -4.70 -24.26 4.86
N ILE A 130 -4.58 -23.20 4.07
CA ILE A 130 -4.03 -21.93 4.54
C ILE A 130 -4.91 -21.33 5.62
N ALA A 131 -6.20 -21.62 5.57
CA ALA A 131 -7.14 -21.08 6.54
C ALA A 131 -7.04 -21.75 7.91
N GLN A 132 -6.35 -22.88 7.98
CA GLN A 132 -6.26 -23.64 9.22
C GLN A 132 -5.65 -22.84 10.37
N GLY A 133 -6.35 -22.81 11.51
CA GLY A 133 -5.85 -22.16 12.71
C GLY A 133 -5.97 -20.66 12.67
N LYS A 134 -6.78 -20.15 11.74
CA LYS A 134 -6.97 -18.71 11.60
C LYS A 134 -8.40 -18.30 11.86
N GLU A 135 -8.56 -17.16 12.52
CA GLU A 135 -9.87 -16.55 12.71
C GLU A 135 -10.57 -16.34 11.37
N SER A 136 -11.86 -16.65 11.30
CA SER A 136 -12.63 -16.34 10.11
C SER A 136 -13.86 -15.48 10.42
N ARG A 137 -14.15 -14.53 9.53
CA ARG A 137 -15.25 -13.60 9.69
C ARG A 137 -16.05 -13.51 8.41
N GLU A 138 -17.27 -13.00 8.53
CA GLU A 138 -18.05 -12.64 7.37
C GLU A 138 -18.19 -11.11 7.32
N PHE A 139 -17.89 -10.55 6.16
CA PHE A 139 -18.11 -9.12 5.92
C PHE A 139 -18.86 -8.95 4.60
N ASN A 140 -19.92 -8.17 4.63
CA ASN A 140 -20.69 -7.89 3.43
C ASN A 140 -21.06 -9.15 2.65
N GLY A 141 -21.45 -10.20 3.37
CA GLY A 141 -21.86 -11.44 2.74
C GLY A 141 -20.73 -12.25 2.12
N LYS A 142 -19.50 -12.01 2.57
CA LYS A 142 -18.35 -12.77 2.06
C LYS A 142 -17.43 -13.27 3.18
N GLU A 143 -16.69 -14.34 2.89
CA GLU A 143 -15.84 -14.97 3.90
C GLU A 143 -14.38 -14.51 3.81
N TYR A 144 -13.81 -14.17 4.97
CA TYR A 144 -12.43 -13.74 5.05
C TYR A 144 -11.73 -14.46 6.19
N ILE A 145 -10.41 -14.50 6.14
CA ILE A 145 -9.62 -14.96 7.28
C ILE A 145 -8.67 -13.85 7.75
N LEU A 146 -8.26 -13.95 9.00
CA LEU A 146 -7.37 -12.98 9.61
C LEU A 146 -5.91 -13.29 9.29
N GLU A 147 -5.21 -12.33 8.70
CA GLU A 147 -3.78 -12.47 8.45
C GLU A 147 -2.98 -11.48 9.28
N ARG A 148 -1.83 -11.92 9.76
CA ARG A 148 -0.99 -11.11 10.63
C ARG A 148 0.23 -10.55 9.92
N ALA A 149 0.64 -9.37 10.36
CA ALA A 149 1.78 -8.68 9.79
C ALA A 149 3.07 -9.46 9.97
N ILE A 150 4.00 -9.22 9.06
CA ILE A 150 5.33 -9.79 9.13
C ILE A 150 6.35 -8.67 9.29
N THR A 151 7.27 -8.84 10.24
CA THR A 151 8.36 -7.90 10.41
C THR A 151 9.64 -8.71 10.57
N GLY A 152 10.78 -8.05 10.45
CA GLY A 152 12.04 -8.75 10.58
C GLY A 152 13.11 -7.90 11.22
N ASP A 153 14.22 -8.54 11.53
CA ASP A 153 15.38 -7.84 12.08
C ASP A 153 16.16 -7.14 10.96
N TYR A 154 16.32 -7.80 9.83
CA TYR A 154 17.05 -7.23 8.70
C TYR A 154 16.26 -7.38 7.42
N GLY A 155 16.10 -6.28 6.69
CA GLY A 155 15.71 -6.42 5.30
C GLY A 155 16.94 -6.43 4.43
N LEU A 156 17.01 -7.39 3.51
CA LEU A 156 18.13 -7.45 2.59
C LEU A 156 17.54 -7.26 1.21
N ILE A 157 17.80 -6.12 0.61
CA ILE A 157 17.13 -5.82 -0.65
C ILE A 157 18.12 -5.37 -1.73
N LYS A 158 17.67 -5.44 -2.96
CA LYS A 158 18.45 -5.06 -4.13
C LYS A 158 17.66 -3.99 -4.84
N ALA A 159 18.35 -3.01 -5.39
CA ALA A 159 17.69 -1.96 -6.15
C ALA A 159 18.61 -1.50 -7.26
N TYR A 160 18.13 -0.56 -8.06
CA TYR A 160 18.88 -0.05 -9.20
C TYR A 160 19.83 1.06 -8.77
N LYS A 161 19.28 2.22 -8.43
CA LYS A 161 20.10 3.33 -7.90
C LYS A 161 19.65 3.76 -6.51
N SER A 162 20.59 4.34 -5.78
CA SER A 162 20.28 5.03 -4.54
C SER A 162 20.92 6.39 -4.63
N ASP A 163 20.35 7.38 -3.93
CA ASP A 163 21.09 8.61 -3.70
C ASP A 163 21.75 8.48 -2.32
N THR A 164 22.51 9.48 -1.91
CA THR A 164 23.25 9.37 -0.64
C THR A 164 22.34 9.44 0.59
N LEU A 165 21.06 9.72 0.37
CA LEU A 165 20.04 9.76 1.42
C LEU A 165 19.32 8.42 1.56
N GLY A 166 19.58 7.51 0.63
CA GLY A 166 18.96 6.21 0.65
C GLY A 166 17.67 6.12 -0.13
N ASN A 167 17.35 7.16 -0.90
CA ASN A 167 16.18 7.09 -1.78
C ASN A 167 16.50 6.10 -2.88
N LEU A 168 15.57 5.20 -3.18
CA LEU A 168 15.84 4.17 -4.15
C LEU A 168 14.92 4.25 -5.36
N VAL A 169 15.44 3.77 -6.49
CA VAL A 169 14.62 3.44 -7.65
C VAL A 169 14.98 2.02 -8.04
N PHE A 170 13.96 1.24 -8.41
CA PHE A 170 14.16 -0.09 -8.95
C PHE A 170 13.94 -0.04 -10.46
N ARG A 171 14.17 -1.16 -11.15
CA ARG A 171 13.91 -1.18 -12.58
C ARG A 171 13.21 -2.47 -13.00
N LYS A 172 12.21 -2.33 -13.84
CA LYS A 172 11.41 -3.46 -14.33
C LYS A 172 10.77 -4.31 -13.23
N THR A 173 10.85 -5.61 -13.39
CA THR A 173 10.25 -6.57 -12.47
C THR A 173 11.20 -6.96 -11.36
N ALA A 174 12.35 -6.35 -11.37
CA ALA A 174 13.34 -6.52 -10.35
C ALA A 174 12.83 -5.98 -9.03
N ARG A 175 11.88 -5.06 -9.09
CA ARG A 175 11.36 -4.45 -7.88
C ARG A 175 10.62 -5.40 -6.94
N ASN A 176 9.60 -6.08 -7.43
CA ASN A 176 8.92 -7.11 -6.65
C ASN A 176 8.67 -6.80 -5.16
N PHE A 177 9.21 -7.67 -4.32
CA PHE A 177 9.10 -7.59 -2.88
C PHE A 177 10.11 -6.70 -2.18
N ASN A 178 11.08 -6.14 -2.91
CA ASN A 178 12.19 -5.39 -2.33
C ASN A 178 11.79 -4.21 -1.44
N PRO A 179 10.88 -3.34 -1.91
CA PRO A 179 10.48 -2.22 -1.03
C PRO A 179 9.72 -2.70 0.22
N LEU A 180 8.95 -3.79 0.08
CA LEU A 180 8.20 -4.36 1.19
C LEU A 180 9.13 -4.87 2.27
N CYS A 181 10.19 -5.55 1.84
CA CYS A 181 11.18 -6.08 2.76
C CYS A 181 11.88 -4.93 3.48
N ALA A 182 12.01 -3.82 2.79
CA ALA A 182 12.64 -2.64 3.38
C ALA A 182 11.80 -2.08 4.52
N MSE A 183 10.54 -1.77 4.24
CA MSE A 183 9.71 -1.08 5.22
C MSE A 183 9.40 -1.94 6.45
O MSE A 183 9.26 -1.43 7.55
CB MSE A 183 8.42 -0.58 4.58
CG MSE A 183 8.67 0.34 3.40
SE MSE A 183 7.02 0.91 2.53
CE MSE A 183 6.60 -0.69 1.55
N ALA A 184 9.33 -3.26 6.26
CA ALA A 184 8.96 -4.17 7.35
C ALA A 184 10.13 -4.59 8.25
N ALA A 185 11.34 -4.16 7.92
CA ALA A 185 12.52 -4.62 8.66
C ALA A 185 13.09 -3.52 9.56
N LYS A 186 13.61 -3.91 10.73
CA LYS A 186 14.21 -2.93 11.64
C LYS A 186 15.45 -2.29 11.01
N ILE A 187 16.36 -3.13 10.53
CA ILE A 187 17.54 -2.65 9.82
C ILE A 187 17.48 -3.07 8.35
N CYS A 188 17.49 -2.09 7.45
CA CYS A 188 17.47 -2.39 6.02
C CYS A 188 18.76 -2.02 5.32
N VAL A 189 19.28 -2.98 4.56
CA VAL A 189 20.51 -2.81 3.80
C VAL A 189 20.19 -2.94 2.32
N ALA A 190 20.38 -1.87 1.56
CA ALA A 190 20.09 -1.91 0.15
C ALA A 190 21.36 -1.99 -0.66
N GLU A 191 21.43 -2.94 -1.57
CA GLU A 191 22.58 -2.98 -2.48
C GLU A 191 22.13 -2.58 -3.87
N VAL A 192 22.95 -1.76 -4.53
CA VAL A 192 22.53 -1.04 -5.71
C VAL A 192 23.67 -1.03 -6.72
N GLU A 193 23.35 -0.74 -7.98
CA GLU A 193 24.35 -0.68 -9.04
C GLU A 193 25.01 0.68 -9.13
N GLU A 194 24.31 1.70 -8.64
CA GLU A 194 24.81 3.06 -8.72
C GLU A 194 24.33 3.91 -7.54
N ILE A 195 25.21 4.75 -7.02
CA ILE A 195 24.87 5.70 -5.97
C ILE A 195 25.09 7.12 -6.45
N VAL A 196 24.05 7.95 -6.38
CA VAL A 196 24.13 9.30 -6.91
C VAL A 196 23.93 10.34 -5.81
N PRO A 197 24.44 11.55 -6.04
CA PRO A 197 24.25 12.63 -5.07
C PRO A 197 22.77 12.92 -4.77
N ALA A 198 22.50 13.35 -3.55
CA ALA A 198 21.18 13.83 -3.20
C ALA A 198 20.79 14.91 -4.20
N GLY A 199 19.57 14.83 -4.70
CA GLY A 199 19.10 15.77 -5.72
C GLY A 199 19.07 15.20 -7.12
N GLU A 200 19.90 14.19 -7.38
CA GLU A 200 19.96 13.56 -8.69
C GLU A 200 18.75 12.67 -9.02
N LEU A 201 18.12 12.11 -7.99
CA LEU A 201 16.89 11.36 -8.21
C LEU A 201 15.71 12.32 -7.98
N ASP A 202 14.86 12.46 -9.00
CA ASP A 202 13.73 13.36 -8.89
C ASP A 202 12.79 12.88 -7.77
N PRO A 203 12.29 13.82 -6.96
CA PRO A 203 11.43 13.42 -5.83
C PRO A 203 10.19 12.67 -6.30
N ASP A 204 9.76 12.92 -7.53
CA ASP A 204 8.55 12.30 -8.07
C ASP A 204 8.86 11.04 -8.84
N GLU A 205 10.14 10.73 -9.01
CA GLU A 205 10.52 9.45 -9.61
C GLU A 205 11.00 8.41 -8.60
N ILE A 206 11.13 8.81 -7.35
CA ILE A 206 11.66 7.94 -6.31
C ILE A 206 10.67 6.85 -5.93
N HIS A 207 11.10 5.60 -5.94
CA HIS A 207 10.23 4.49 -5.54
C HIS A 207 10.17 4.29 -4.03
N LEU A 208 11.33 4.23 -3.37
CA LEU A 208 11.38 4.01 -1.93
C LEU A 208 12.07 5.12 -1.16
N PRO A 209 11.31 5.90 -0.38
CA PRO A 209 11.92 6.99 0.39
C PRO A 209 13.04 6.49 1.30
N GLY A 210 14.09 7.28 1.43
CA GLY A 210 15.29 6.91 2.16
C GLY A 210 15.10 6.65 3.63
N ILE A 211 13.99 7.10 4.20
CA ILE A 211 13.70 6.85 5.60
C ILE A 211 13.72 5.35 5.87
N TYR A 212 13.43 4.56 4.83
CA TYR A 212 13.35 3.11 4.97
C TYR A 212 14.69 2.38 4.83
N VAL A 213 15.73 3.10 4.42
CA VAL A 213 17.04 2.49 4.18
C VAL A 213 18.08 2.92 5.19
N GLN A 214 18.59 1.98 5.97
CA GLN A 214 19.66 2.30 6.92
C GLN A 214 21.07 2.33 6.30
N HIS A 215 21.35 1.39 5.41
CA HIS A 215 22.68 1.33 4.79
C HIS A 215 22.61 1.13 3.27
N ILE A 216 23.51 1.80 2.55
CA ILE A 216 23.55 1.71 1.10
C ILE A 216 24.86 1.07 0.64
N TYR A 217 24.77 0.01 -0.14
CA TYR A 217 25.97 -0.69 -0.59
C TYR A 217 26.02 -0.86 -2.11
N LYS A 218 27.08 -0.34 -2.74
CA LYS A 218 27.18 -0.45 -4.19
C LYS A 218 27.92 -1.71 -4.59
N GLY A 219 27.22 -2.63 -5.24
CA GLY A 219 27.83 -3.85 -5.75
C GLY A 219 28.64 -3.58 -7.01
N GLU A 220 29.82 -4.20 -7.10
CA GLU A 220 30.67 -4.02 -8.27
C GLU A 220 30.15 -4.80 -9.46
N LYS A 221 29.83 -6.06 -9.24
CA LYS A 221 29.20 -6.87 -10.28
C LYS A 221 28.11 -7.77 -9.73
N PHE A 222 26.88 -7.54 -10.17
CA PHE A 222 25.80 -8.47 -9.88
C PHE A 222 25.72 -9.45 -11.04
N GLU A 223 25.56 -10.73 -10.74
CA GLU A 223 25.49 -11.75 -11.80
C GLU A 223 24.17 -11.69 -12.57
N LYS A 224 23.09 -11.42 -11.87
CA LYS A 224 21.77 -11.45 -12.48
C LYS A 224 21.64 -12.70 -13.36
N ARG A 225 21.69 -13.86 -12.73
CA ARG A 225 21.47 -15.10 -13.45
C ARG A 225 20.02 -15.19 -13.93
N ILE A 226 19.84 -15.71 -15.15
CA ILE A 226 18.51 -15.93 -15.69
C ILE A 226 18.18 -17.42 -15.61
N GLU A 227 17.01 -17.75 -15.07
CA GLU A 227 16.59 -19.15 -15.01
C GLU A 227 16.24 -19.67 -16.39
N LYS A 228 15.46 -18.90 -17.14
CA LYS A 228 15.13 -19.30 -18.50
C LYS A 228 15.25 -18.16 -19.48
N ILE A 229 16.21 -18.25 -20.40
CA ILE A 229 16.41 -17.23 -21.40
C ILE A 229 15.54 -17.56 -22.60
N THR A 230 14.55 -16.70 -22.85
CA THR A 230 13.64 -16.89 -23.97
C THR A 230 13.73 -15.72 -24.93
N THR A 231 13.94 -16.02 -26.20
CA THR A 231 14.06 -14.97 -27.21
C THR A 231 13.09 -15.24 -28.37
N ARG A 232 13.04 -14.32 -29.33
CA ARG A 232 12.14 -14.50 -30.46
C ARG A 232 12.85 -14.36 -31.81
N SER A 233 12.17 -14.80 -32.87
CA SER A 233 12.74 -14.86 -34.23
C SER A 233 13.76 -15.98 -34.34
N MSE B 1 -5.44 -32.51 -28.38
CA MSE B 1 -5.71 -32.48 -26.94
C MSE B 1 -5.65 -31.06 -26.41
O MSE B 1 -6.67 -30.41 -26.17
CB MSE B 1 -4.72 -33.37 -26.20
CG MSE B 1 -5.04 -33.60 -24.71
SE MSE B 1 -6.06 -35.24 -24.45
CE MSE B 1 -5.79 -35.50 -22.54
N ARG B 2 -4.44 -30.55 -26.22
CA ARG B 2 -4.28 -29.19 -25.73
C ARG B 2 -4.76 -28.16 -26.75
N GLU B 3 -4.52 -28.45 -28.03
CA GLU B 3 -4.91 -27.51 -29.08
C GLU B 3 -6.37 -27.08 -28.94
N ALA B 4 -7.28 -28.05 -28.88
CA ALA B 4 -8.71 -27.72 -28.78
C ALA B 4 -9.01 -26.93 -27.51
N ILE B 5 -8.26 -27.18 -26.45
CA ILE B 5 -8.44 -26.47 -25.19
C ILE B 5 -8.01 -25.03 -25.33
N ILE B 6 -6.80 -24.84 -25.86
CA ILE B 6 -6.20 -23.52 -25.96
C ILE B 6 -6.99 -22.61 -26.88
N LYS B 7 -7.24 -23.08 -28.09
CA LYS B 7 -8.03 -22.33 -29.06
C LYS B 7 -9.43 -21.97 -28.56
N ARG B 8 -10.04 -22.84 -27.76
CA ARG B 8 -11.37 -22.53 -27.21
C ARG B 8 -11.24 -21.50 -26.10
N ALA B 9 -10.19 -21.64 -25.29
CA ALA B 9 -9.90 -20.66 -24.24
C ALA B 9 -9.66 -19.27 -24.83
N ALA B 10 -9.01 -19.22 -25.99
CA ALA B 10 -8.68 -17.94 -26.62
C ALA B 10 -9.93 -17.14 -26.96
N LYS B 11 -11.02 -17.83 -27.22
CA LYS B 11 -12.28 -17.18 -27.57
C LYS B 11 -12.83 -16.36 -26.41
N GLU B 12 -12.36 -16.65 -25.21
CA GLU B 12 -12.82 -15.92 -24.01
C GLU B 12 -12.14 -14.55 -23.85
N LEU B 13 -11.07 -14.33 -24.60
CA LEU B 13 -10.36 -13.06 -24.53
C LEU B 13 -11.03 -12.02 -25.39
N LYS B 14 -11.35 -10.88 -24.79
CA LYS B 14 -12.08 -9.81 -25.46
C LYS B 14 -11.30 -8.50 -25.43
N GLU B 15 -11.52 -7.67 -26.45
CA GLU B 15 -10.87 -6.37 -26.56
C GLU B 15 -11.04 -5.55 -25.30
N GLY B 16 -9.94 -5.01 -24.78
CA GLY B 16 -9.99 -4.08 -23.67
C GLY B 16 -9.89 -4.76 -22.32
N MSE B 17 -9.75 -6.07 -22.33
CA MSE B 17 -9.64 -6.82 -21.08
C MSE B 17 -8.26 -6.69 -20.48
O MSE B 17 -7.26 -6.51 -21.18
CB MSE B 17 -9.94 -8.28 -21.31
CG MSE B 17 -11.41 -8.59 -21.41
SE MSE B 17 -11.66 -10.50 -21.27
CE MSE B 17 -13.59 -10.52 -21.04
N TYR B 18 -8.22 -6.81 -19.15
CA TYR B 18 -6.98 -6.99 -18.43
C TYR B 18 -6.97 -8.45 -17.99
N VAL B 19 -5.93 -9.18 -18.36
CA VAL B 19 -5.92 -10.63 -18.22
C VAL B 19 -4.67 -11.13 -17.52
N ASN B 20 -4.84 -12.13 -16.66
CA ASN B 20 -3.71 -12.81 -16.06
C ASN B 20 -3.69 -14.29 -16.45
N LEU B 21 -2.58 -14.72 -17.04
CA LEU B 21 -2.44 -16.10 -17.48
C LEU B 21 -1.54 -16.85 -16.52
N GLY B 22 -2.07 -17.89 -15.89
CA GLY B 22 -1.27 -18.68 -14.99
C GLY B 22 -0.24 -19.48 -15.77
N ILE B 23 0.75 -20.01 -15.06
CA ILE B 23 1.79 -20.81 -15.71
C ILE B 23 1.23 -22.12 -16.24
N GLY B 24 1.96 -22.73 -17.17
CA GLY B 24 1.49 -23.96 -17.80
C GLY B 24 0.57 -23.64 -18.95
N LEU B 25 -0.47 -24.45 -19.12
CA LEU B 25 -1.36 -24.31 -20.26
C LEU B 25 -1.76 -22.87 -20.58
N PRO B 26 -2.29 -22.14 -19.58
CA PRO B 26 -2.83 -20.80 -19.84
C PRO B 26 -1.90 -19.88 -20.61
N THR B 27 -0.60 -19.97 -20.36
CA THR B 27 0.35 -19.08 -21.03
C THR B 27 0.25 -19.26 -22.55
N LEU B 28 -0.07 -20.47 -22.98
CA LEU B 28 -0.17 -20.75 -24.41
C LEU B 28 -1.29 -19.97 -25.10
N VAL B 29 -2.27 -19.53 -24.32
CA VAL B 29 -3.43 -18.83 -24.89
C VAL B 29 -3.03 -17.50 -25.53
N ALA B 30 -1.99 -16.87 -25.01
CA ALA B 30 -1.52 -15.60 -25.54
C ALA B 30 -1.15 -15.72 -27.03
N ASN B 31 -0.64 -16.88 -27.41
CA ASN B 31 -0.22 -17.10 -28.80
C ASN B 31 -1.37 -17.11 -29.80
N GLU B 32 -2.58 -17.33 -29.33
CA GLU B 32 -3.74 -17.38 -30.20
C GLU B 32 -4.39 -16.03 -30.40
N VAL B 33 -3.87 -15.03 -29.72
CA VAL B 33 -4.48 -13.72 -29.76
C VAL B 33 -3.52 -12.65 -30.18
N SER B 34 -2.64 -12.96 -31.12
CA SER B 34 -1.49 -12.13 -31.39
C SER B 34 -1.84 -10.70 -31.73
N GLY B 35 -2.84 -10.44 -32.55
CA GLY B 35 -3.16 -9.05 -32.73
C GLY B 35 -4.48 -8.71 -32.08
N MSE B 36 -4.41 -8.26 -30.84
CA MSE B 36 -5.60 -7.88 -30.12
C MSE B 36 -5.20 -6.89 -29.07
O MSE B 36 -4.14 -7.01 -28.49
CB MSE B 36 -6.25 -9.10 -29.47
CG MSE B 36 -7.70 -8.92 -29.13
SE MSE B 36 -8.52 -10.47 -28.31
CE MSE B 36 -10.21 -10.39 -29.25
N ASN B 37 -6.08 -5.95 -28.76
CA ASN B 37 -5.72 -5.03 -27.69
C ASN B 37 -6.19 -5.64 -26.40
N ILE B 38 -5.23 -6.22 -25.69
CA ILE B 38 -5.47 -6.88 -24.44
C ILE B 38 -4.23 -6.68 -23.60
N VAL B 39 -4.40 -6.34 -22.34
CA VAL B 39 -3.27 -6.10 -21.45
C VAL B 39 -3.07 -7.31 -20.56
N PHE B 40 -1.90 -7.94 -20.68
CA PHE B 40 -1.58 -9.06 -19.82
C PHE B 40 -0.83 -8.60 -18.58
N GLN B 41 -1.26 -9.08 -17.42
CA GLN B 41 -0.66 -8.70 -16.15
C GLN B 41 0.25 -9.80 -15.66
N SER B 42 1.41 -9.43 -15.13
CA SER B 42 2.33 -10.40 -14.54
C SER B 42 2.37 -10.10 -13.05
N GLU B 43 2.16 -11.14 -12.24
CA GLU B 43 1.95 -10.93 -10.80
C GLU B 43 3.19 -10.43 -10.07
N ASN B 44 4.32 -10.45 -10.78
CA ASN B 44 5.59 -10.05 -10.21
C ASN B 44 5.81 -8.54 -10.35
N GLY B 45 4.74 -7.84 -10.73
CA GLY B 45 4.81 -6.39 -10.80
C GLY B 45 4.85 -5.70 -12.14
N LEU B 46 4.30 -6.33 -13.16
CA LEU B 46 4.17 -5.67 -14.44
C LEU B 46 2.75 -5.71 -14.99
N LEU B 47 2.34 -4.60 -15.61
CA LEU B 47 1.13 -4.57 -16.40
C LEU B 47 1.54 -4.22 -17.84
N GLY B 48 1.03 -4.94 -18.83
CA GLY B 48 1.56 -4.85 -20.19
C GLY B 48 2.70 -5.77 -20.61
N ILE B 49 2.54 -7.07 -20.35
CA ILE B 49 3.45 -8.09 -20.89
C ILE B 49 3.51 -8.05 -22.43
N GLY B 50 4.65 -8.45 -22.97
CA GLY B 50 4.91 -8.31 -24.39
C GLY B 50 5.74 -9.50 -24.84
N ALA B 51 6.15 -9.48 -26.10
CA ALA B 51 6.80 -10.63 -26.70
C ALA B 51 8.13 -10.94 -26.03
N TYR B 52 8.62 -12.16 -26.22
CA TYR B 52 10.00 -12.47 -25.89
C TYR B 52 10.90 -11.53 -26.66
N PRO B 53 12.02 -11.12 -26.05
CA PRO B 53 12.99 -10.21 -26.67
C PRO B 53 13.78 -10.85 -27.82
N LEU B 54 14.20 -10.02 -28.76
CA LEU B 54 15.17 -10.45 -29.77
C LEU B 54 16.48 -10.70 -29.04
N GLU B 55 17.34 -11.53 -29.62
CA GLU B 55 18.66 -11.75 -29.05
C GLU B 55 19.35 -10.40 -28.85
N GLY B 56 19.89 -10.17 -27.65
CA GLY B 56 20.59 -8.93 -27.37
C GLY B 56 19.75 -7.91 -26.62
N SER B 57 18.44 -8.07 -26.68
CA SER B 57 17.52 -7.28 -25.88
C SER B 57 17.12 -8.03 -24.61
N VAL B 58 17.75 -9.18 -24.39
CA VAL B 58 17.55 -9.96 -23.17
C VAL B 58 17.91 -9.14 -21.93
N ASP B 59 17.00 -9.09 -20.97
CA ASP B 59 17.22 -8.31 -19.75
C ASP B 59 16.80 -9.12 -18.53
N ALA B 60 17.75 -9.44 -17.67
CA ALA B 60 17.48 -10.31 -16.52
C ALA B 60 16.48 -9.67 -15.54
N ASP B 61 16.46 -8.34 -15.49
CA ASP B 61 15.55 -7.65 -14.58
C ASP B 61 14.10 -7.69 -15.07
N LEU B 62 13.89 -8.20 -16.28
CA LEU B 62 12.55 -8.23 -16.83
C LEU B 62 12.09 -9.65 -17.18
N ILE B 63 11.18 -10.19 -16.36
CA ILE B 63 10.72 -11.55 -16.55
C ILE B 63 9.22 -11.70 -16.26
N ASN B 64 8.63 -12.80 -16.72
CA ASN B 64 7.25 -13.08 -16.40
C ASN B 64 7.21 -13.96 -15.15
N ALA B 65 6.01 -14.36 -14.75
CA ALA B 65 5.86 -15.12 -13.52
C ALA B 65 6.63 -16.43 -13.61
N GLY B 66 6.85 -16.88 -14.85
CA GLY B 66 7.52 -18.15 -15.09
C GLY B 66 9.03 -18.02 -15.17
N LYS B 67 9.55 -16.87 -14.73
CA LYS B 67 10.99 -16.62 -14.73
C LYS B 67 11.60 -16.60 -16.14
N GLU B 68 10.76 -16.29 -17.12
CA GLU B 68 11.22 -16.17 -18.50
C GLU B 68 11.50 -14.71 -18.85
N THR B 69 12.52 -14.49 -19.67
CA THR B 69 12.84 -13.13 -20.11
C THR B 69 11.83 -12.65 -21.13
N ILE B 70 11.33 -11.43 -20.94
CA ILE B 70 10.28 -10.89 -21.80
C ILE B 70 10.54 -9.44 -22.17
N THR B 71 9.59 -8.83 -22.87
CA THR B 71 9.59 -7.38 -23.08
C THR B 71 8.27 -6.81 -22.58
N VAL B 72 8.10 -5.50 -22.74
CA VAL B 72 6.86 -4.84 -22.37
C VAL B 72 6.27 -4.15 -23.58
N VAL B 73 4.95 -3.98 -23.59
CA VAL B 73 4.28 -3.19 -24.61
C VAL B 73 4.32 -1.70 -24.25
N PRO B 74 4.00 -0.83 -25.23
CA PRO B 74 3.86 0.60 -24.92
C PRO B 74 2.74 0.80 -23.90
N GLY B 75 2.96 1.65 -22.91
CA GLY B 75 1.95 1.90 -21.89
C GLY B 75 1.98 0.87 -20.78
N ALA B 76 3.04 0.07 -20.76
CA ALA B 76 3.26 -0.85 -19.66
C ALA B 76 3.55 -0.05 -18.39
N SER B 77 3.38 -0.68 -17.24
CA SER B 77 3.78 -0.09 -15.97
C SER B 77 4.38 -1.16 -15.06
N PHE B 78 5.31 -0.76 -14.21
CA PHE B 78 5.88 -1.66 -13.22
C PHE B 78 5.42 -1.21 -11.85
N PHE B 79 5.31 -2.16 -10.92
CA PHE B 79 4.93 -1.85 -9.55
C PHE B 79 5.37 -2.97 -8.65
N ASN B 80 5.20 -2.79 -7.35
CA ASN B 80 5.69 -3.75 -6.38
C ASN B 80 4.68 -4.87 -6.12
N SER B 81 5.07 -5.84 -5.30
CA SER B 81 4.29 -7.06 -5.18
C SER B 81 2.98 -6.86 -4.46
N ALA B 82 2.96 -5.98 -3.45
CA ALA B 82 1.73 -5.61 -2.75
C ALA B 82 0.75 -4.93 -3.70
N ASP B 83 1.27 -4.07 -4.56
CA ASP B 83 0.46 -3.34 -5.52
C ASP B 83 -0.15 -4.29 -6.54
N SER B 84 0.67 -5.22 -7.00
CA SER B 84 0.23 -6.24 -7.96
C SER B 84 -0.96 -6.99 -7.38
N PHE B 85 -0.81 -7.44 -6.14
CA PHE B 85 -1.83 -8.25 -5.53
C PHE B 85 -3.01 -7.41 -5.01
N ALA B 86 -2.78 -6.12 -4.79
CA ALA B 86 -3.88 -5.21 -4.49
C ALA B 86 -4.76 -5.11 -5.74
N MSE B 87 -4.11 -5.04 -6.89
CA MSE B 87 -4.80 -4.97 -8.18
C MSE B 87 -5.61 -6.25 -8.40
O MSE B 87 -6.76 -6.22 -8.84
CB MSE B 87 -3.74 -4.80 -9.27
CG MSE B 87 -4.26 -4.66 -10.67
SE MSE B 87 -2.74 -4.45 -11.90
CE MSE B 87 -1.74 -3.14 -10.88
N ILE B 88 -4.98 -7.38 -8.08
CA ILE B 88 -5.63 -8.67 -8.24
C ILE B 88 -6.73 -8.89 -7.21
N ARG B 89 -6.41 -8.70 -5.94
CA ARG B 89 -7.34 -8.98 -4.85
C ARG B 89 -8.51 -8.01 -4.89
N GLY B 90 -8.24 -6.80 -5.39
CA GLY B 90 -9.24 -5.74 -5.40
C GLY B 90 -10.25 -5.86 -6.52
N GLY B 91 -10.12 -6.90 -7.35
CA GLY B 91 -11.11 -7.19 -8.38
C GLY B 91 -10.92 -6.45 -9.69
N HIS B 92 -9.71 -5.96 -9.95
CA HIS B 92 -9.46 -5.16 -11.15
C HIS B 92 -9.11 -5.95 -12.40
N ILE B 93 -8.74 -7.22 -12.24
CA ILE B 93 -8.40 -8.08 -13.37
C ILE B 93 -9.67 -8.73 -13.92
N ASP B 94 -9.92 -8.57 -15.22
CA ASP B 94 -11.17 -9.07 -15.80
C ASP B 94 -11.17 -10.58 -15.92
N LEU B 95 -10.00 -11.15 -16.21
CA LEU B 95 -9.93 -12.57 -16.49
C LEU B 95 -8.65 -13.22 -15.98
N ALA B 96 -8.81 -14.31 -15.23
CA ALA B 96 -7.67 -15.13 -14.86
C ALA B 96 -7.90 -16.52 -15.40
N ILE B 97 -6.93 -17.01 -16.17
CA ILE B 97 -7.00 -18.34 -16.73
C ILE B 97 -5.96 -19.21 -16.03
N LEU B 98 -6.41 -20.39 -15.59
CA LEU B 98 -5.57 -21.24 -14.75
C LEU B 98 -5.65 -22.69 -15.20
N GLY B 99 -4.60 -23.45 -14.92
CA GLY B 99 -4.62 -24.88 -15.10
C GLY B 99 -5.18 -25.51 -13.84
N GLY B 100 -5.49 -26.80 -13.87
CA GLY B 100 -5.93 -27.49 -12.68
C GLY B 100 -5.61 -28.97 -12.71
N MSE B 101 -5.44 -29.54 -11.53
CA MSE B 101 -5.39 -31.00 -11.38
C MSE B 101 -6.77 -31.63 -11.21
O MSE B 101 -7.04 -32.73 -11.72
CB MSE B 101 -4.42 -31.38 -10.27
CG MSE B 101 -3.02 -30.89 -10.58
SE MSE B 101 -1.80 -31.12 -9.10
CE MSE B 101 -2.69 -29.97 -7.81
N GLU B 102 -7.66 -30.96 -10.49
CA GLU B 102 -9.03 -31.38 -10.34
C GLU B 102 -9.95 -30.17 -10.27
N VAL B 103 -11.18 -30.32 -10.75
CA VAL B 103 -12.23 -29.36 -10.53
C VAL B 103 -13.44 -30.13 -10.04
N SER B 104 -14.06 -29.66 -8.96
CA SER B 104 -15.24 -30.27 -8.40
C SER B 104 -16.52 -29.67 -8.97
N GLN B 105 -17.63 -30.37 -8.82
CA GLN B 105 -18.92 -29.94 -9.36
C GLN B 105 -19.40 -28.66 -8.72
N ASN B 106 -18.91 -28.39 -7.53
CA ASN B 106 -19.26 -27.21 -6.78
C ASN B 106 -18.43 -26.00 -7.20
N GLY B 107 -17.53 -26.18 -8.15
CA GLY B 107 -16.65 -25.11 -8.58
C GLY B 107 -15.34 -25.02 -7.82
N ASP B 108 -15.05 -26.02 -7.01
CA ASP B 108 -13.80 -26.11 -6.29
C ASP B 108 -12.64 -26.39 -7.22
N LEU B 109 -11.46 -25.84 -6.91
CA LEU B 109 -10.27 -26.05 -7.71
C LEU B 109 -9.07 -26.54 -6.92
N ALA B 110 -8.39 -27.56 -7.43
CA ALA B 110 -7.15 -28.00 -6.83
C ALA B 110 -6.04 -27.90 -7.86
N ASN B 111 -5.11 -26.98 -7.67
CA ASN B 111 -3.97 -26.87 -8.57
C ASN B 111 -2.59 -26.62 -7.97
N TRP B 112 -2.45 -26.65 -6.66
CA TRP B 112 -1.15 -26.37 -6.08
C TRP B 112 -0.40 -27.50 -5.41
N MSE B 113 -1.09 -28.54 -4.99
CA MSE B 113 -0.42 -29.60 -4.27
C MSE B 113 -0.91 -31.02 -4.50
O MSE B 113 -2.10 -31.28 -4.54
CB MSE B 113 -0.51 -29.26 -2.78
CG MSE B 113 -0.22 -30.39 -1.86
SE MSE B 113 -0.29 -29.77 -0.04
CE MSE B 113 1.60 -29.53 0.25
N ILE B 114 0.04 -31.95 -4.59
CA ILE B 114 -0.24 -33.38 -4.49
C ILE B 114 0.54 -33.94 -3.31
N PRO B 115 -0.17 -34.44 -2.29
CA PRO B 115 0.45 -34.86 -1.02
C PRO B 115 1.63 -35.81 -1.23
N LYS B 116 2.74 -35.51 -0.55
CA LYS B 116 3.92 -36.38 -0.51
C LYS B 116 4.43 -36.71 -1.91
N LYS B 117 4.05 -35.89 -2.89
CA LYS B 117 4.53 -36.05 -4.25
C LYS B 117 4.99 -34.72 -4.81
N LEU B 118 4.01 -33.84 -5.04
CA LEU B 118 4.29 -32.54 -5.62
C LEU B 118 4.03 -31.43 -4.60
N ILE B 119 5.11 -30.86 -4.09
CA ILE B 119 5.02 -29.71 -3.20
C ILE B 119 5.93 -28.57 -3.68
N LYS B 120 5.33 -27.50 -4.15
CA LYS B 120 6.06 -26.37 -4.70
C LYS B 120 5.58 -25.14 -3.94
N GLY B 121 4.28 -24.89 -4.04
CA GLY B 121 3.62 -23.84 -3.30
C GLY B 121 2.47 -23.39 -4.16
N MSE B 122 1.69 -22.44 -3.67
CA MSE B 122 0.57 -21.94 -4.47
C MSE B 122 0.88 -20.69 -5.28
O MSE B 122 0.11 -20.31 -6.16
CB MSE B 122 -0.66 -21.68 -3.58
CG MSE B 122 -0.49 -20.54 -2.58
SE MSE B 122 0.80 -20.99 -1.16
CE MSE B 122 -0.14 -22.49 -0.37
N GLY B 123 2.01 -20.03 -5.00
CA GLY B 123 2.29 -18.76 -5.66
C GLY B 123 1.08 -17.84 -5.55
N GLY B 124 0.68 -17.22 -6.67
CA GLY B 124 -0.43 -16.29 -6.66
C GLY B 124 -1.79 -16.87 -7.03
N ALA B 125 -1.85 -18.18 -7.22
CA ALA B 125 -3.09 -18.84 -7.66
C ALA B 125 -4.26 -18.63 -6.70
N MSE B 126 -4.00 -18.70 -5.40
CA MSE B 126 -5.07 -18.49 -4.43
C MSE B 126 -5.64 -17.07 -4.48
O MSE B 126 -6.85 -16.89 -4.31
CB MSE B 126 -4.60 -18.84 -3.02
CG MSE B 126 -4.38 -20.32 -2.84
SE MSE B 126 -4.25 -20.79 -0.98
CE MSE B 126 -4.13 -22.72 -1.15
N ASP B 127 -4.78 -16.09 -4.71
CA ASP B 127 -5.23 -14.70 -4.84
C ASP B 127 -6.07 -14.51 -6.10
N LEU B 128 -5.58 -15.05 -7.21
CA LEU B 128 -6.24 -14.89 -8.51
C LEU B 128 -7.67 -15.47 -8.58
N VAL B 129 -7.88 -16.67 -8.02
CA VAL B 129 -9.21 -17.31 -8.05
C VAL B 129 -10.31 -16.52 -7.36
N HIS B 130 -9.96 -15.78 -6.31
CA HIS B 130 -10.92 -14.88 -5.65
C HIS B 130 -11.09 -13.51 -6.32
N GLY B 131 -9.98 -12.92 -6.73
CA GLY B 131 -9.99 -11.55 -7.23
C GLY B 131 -10.50 -11.33 -8.65
N ALA B 132 -10.13 -12.21 -9.57
CA ALA B 132 -10.47 -12.03 -10.99
C ALA B 132 -11.99 -11.92 -11.19
N LYS B 133 -12.45 -11.01 -12.02
CA LYS B 133 -13.89 -10.89 -12.29
C LYS B 133 -14.44 -12.20 -12.87
N LYS B 134 -13.64 -12.84 -13.72
CA LYS B 134 -14.00 -14.17 -14.20
C LYS B 134 -12.82 -15.11 -14.08
N VAL B 135 -13.08 -16.30 -13.55
CA VAL B 135 -12.06 -17.32 -13.39
C VAL B 135 -12.35 -18.47 -14.32
N ILE B 136 -11.44 -18.71 -15.27
CA ILE B 136 -11.54 -19.83 -16.19
C ILE B 136 -10.44 -20.86 -15.92
N VAL B 137 -10.82 -22.12 -15.74
CA VAL B 137 -9.85 -23.20 -15.63
C VAL B 137 -9.82 -23.98 -16.94
N ILE B 138 -8.61 -24.22 -17.45
CA ILE B 138 -8.45 -25.02 -18.65
C ILE B 138 -7.53 -26.20 -18.35
N MSE B 139 -8.01 -27.39 -18.68
CA MSE B 139 -7.44 -28.60 -18.13
C MSE B 139 -7.72 -29.79 -19.05
O MSE B 139 -8.77 -29.86 -19.68
CB MSE B 139 -8.15 -28.83 -16.80
CG MSE B 139 -7.66 -29.99 -16.00
SE MSE B 139 -8.72 -29.96 -14.37
CE MSE B 139 -10.43 -30.54 -15.10
N GLU B 140 -6.79 -30.74 -19.08
CA GLU B 140 -7.09 -32.02 -19.74
C GLU B 140 -8.13 -32.75 -18.89
N HIS B 141 -9.11 -33.35 -19.57
CA HIS B 141 -10.31 -33.87 -18.90
C HIS B 141 -10.01 -35.09 -18.02
N CYS B 142 -9.07 -35.93 -18.43
CA CYS B 142 -8.71 -37.13 -17.68
C CYS B 142 -7.22 -37.13 -17.41
N ASN B 143 -6.80 -37.79 -16.32
CA ASN B 143 -5.38 -37.91 -16.01
C ASN B 143 -4.70 -38.96 -16.88
N LYS B 144 -3.41 -39.20 -16.62
CA LYS B 144 -2.62 -40.14 -17.42
C LYS B 144 -3.09 -41.59 -17.22
N TYR B 145 -3.87 -41.82 -16.16
CA TYR B 145 -4.45 -43.13 -15.87
C TYR B 145 -5.79 -43.30 -16.59
N GLY B 146 -6.20 -42.27 -17.34
CA GLY B 146 -7.50 -42.27 -17.98
C GLY B 146 -8.62 -42.00 -16.98
N GLU B 147 -8.25 -41.55 -15.79
CA GLU B 147 -9.22 -41.23 -14.74
C GLU B 147 -9.74 -39.79 -14.83
N SER B 148 -11.01 -39.60 -14.51
CA SER B 148 -11.65 -38.29 -14.61
C SER B 148 -11.06 -37.26 -13.65
N LYS B 149 -10.76 -36.08 -14.20
CA LYS B 149 -10.29 -34.97 -13.38
C LYS B 149 -11.42 -34.01 -13.02
N VAL B 150 -12.62 -34.30 -13.54
CA VAL B 150 -13.81 -33.52 -13.21
C VAL B 150 -14.66 -34.33 -12.24
N LYS B 151 -14.71 -33.88 -10.98
CA LYS B 151 -15.16 -34.74 -9.88
C LYS B 151 -16.34 -34.20 -9.08
N LYS B 152 -16.95 -35.07 -8.28
CA LYS B 152 -18.00 -34.66 -7.36
C LYS B 152 -17.40 -33.83 -6.24
N GLU B 153 -16.30 -34.34 -5.69
CA GLU B 153 -15.50 -33.59 -4.71
C GLU B 153 -14.02 -33.77 -5.06
N CYS B 154 -13.23 -32.74 -4.87
CA CYS B 154 -11.79 -32.86 -5.10
C CYS B 154 -11.18 -33.83 -4.09
N SER B 155 -10.23 -34.63 -4.52
CA SER B 155 -9.42 -35.43 -3.61
C SER B 155 -8.13 -34.72 -3.19
N LEU B 156 -7.72 -33.71 -3.96
CA LEU B 156 -6.50 -32.96 -3.68
C LEU B 156 -6.76 -31.68 -2.90
N PRO B 157 -5.73 -31.18 -2.19
CA PRO B 157 -5.89 -29.94 -1.43
C PRO B 157 -6.42 -28.82 -2.33
N LEU B 158 -7.41 -28.08 -1.83
CA LEU B 158 -8.05 -27.03 -2.62
C LEU B 158 -7.20 -25.78 -2.83
N THR B 159 -7.23 -25.26 -4.04
CA THR B 159 -6.74 -23.91 -4.31
C THR B 159 -7.80 -22.89 -3.91
N GLY B 160 -9.07 -23.25 -4.13
CA GLY B 160 -10.17 -22.40 -3.74
C GLY B 160 -11.50 -23.16 -3.80
N LYS B 161 -12.47 -22.69 -3.03
CA LYS B 161 -13.78 -23.32 -2.96
C LYS B 161 -14.81 -22.48 -3.71
N GLY B 162 -15.50 -23.11 -4.67
CA GLY B 162 -16.53 -22.45 -5.47
C GLY B 162 -16.02 -21.21 -6.19
N VAL B 163 -14.78 -21.29 -6.68
CA VAL B 163 -14.20 -20.16 -7.40
C VAL B 163 -14.27 -20.23 -8.94
N VAL B 164 -14.60 -21.39 -9.49
CA VAL B 164 -14.46 -21.57 -10.93
C VAL B 164 -15.73 -21.14 -11.65
N HIS B 165 -15.62 -20.16 -12.55
CA HIS B 165 -16.76 -19.70 -13.33
C HIS B 165 -17.00 -20.58 -14.56
N GLN B 166 -15.91 -20.95 -15.22
CA GLN B 166 -16.01 -21.70 -16.47
C GLN B 166 -14.87 -22.71 -16.56
N LEU B 167 -15.18 -23.90 -17.05
CA LEU B 167 -14.18 -24.95 -17.17
C LEU B 167 -14.13 -25.45 -18.62
N ILE B 168 -12.96 -25.36 -19.22
CA ILE B 168 -12.76 -25.79 -20.59
C ILE B 168 -11.80 -26.98 -20.61
N THR B 169 -12.27 -28.13 -21.10
CA THR B 169 -11.40 -29.27 -21.29
C THR B 169 -11.36 -29.69 -22.77
N ASP B 170 -10.61 -30.75 -23.07
CA ASP B 170 -10.53 -31.26 -24.45
C ASP B 170 -11.85 -31.91 -24.89
N LEU B 171 -12.73 -32.15 -23.93
CA LEU B 171 -14.03 -32.76 -24.20
C LEU B 171 -15.13 -31.71 -24.26
N ALA B 172 -15.25 -30.91 -23.21
CA ALA B 172 -16.37 -29.99 -23.08
C ALA B 172 -16.12 -28.68 -22.37
N VAL B 173 -17.09 -27.80 -22.48
CA VAL B 173 -17.11 -26.54 -21.78
C VAL B 173 -18.24 -26.58 -20.75
N PHE B 174 -17.92 -26.24 -19.51
CA PHE B 174 -18.87 -26.23 -18.44
C PHE B 174 -18.92 -24.87 -17.80
N GLU B 175 -20.08 -24.50 -17.26
CA GLU B 175 -20.23 -23.28 -16.50
C GLU B 175 -20.74 -23.58 -15.10
N PHE B 176 -20.49 -22.66 -14.18
CA PHE B 176 -20.87 -22.84 -12.79
C PHE B 176 -21.77 -21.72 -12.30
N SER B 177 -22.94 -22.10 -11.76
CA SER B 177 -23.83 -21.19 -11.05
C SER B 177 -24.58 -21.97 -9.99
N ASN B 178 -24.78 -21.36 -8.82
CA ASN B 178 -25.54 -21.99 -7.75
C ASN B 178 -24.92 -23.29 -7.26
N ASN B 179 -23.61 -23.28 -7.05
CA ASN B 179 -22.87 -24.47 -6.64
C ASN B 179 -23.22 -25.65 -7.54
N ALA B 180 -23.53 -25.34 -8.80
CA ALA B 180 -24.07 -26.30 -9.75
C ALA B 180 -23.40 -26.15 -11.11
N MSE B 181 -23.15 -27.28 -11.77
CA MSE B 181 -22.35 -27.30 -12.98
C MSE B 181 -23.18 -27.61 -14.22
O MSE B 181 -23.92 -28.59 -14.25
CB MSE B 181 -21.24 -28.34 -12.84
CG MSE B 181 -20.23 -28.32 -13.96
SE MSE B 181 -18.85 -29.65 -13.61
CE MSE B 181 -17.47 -29.02 -14.82
N LYS B 182 -23.05 -26.78 -15.24
CA LYS B 182 -23.77 -26.98 -16.50
C LYS B 182 -22.83 -27.28 -17.66
N LEU B 183 -23.18 -28.27 -18.48
CA LEU B 183 -22.42 -28.56 -19.67
C LEU B 183 -23.04 -27.70 -20.75
N VAL B 184 -22.33 -26.65 -21.16
CA VAL B 184 -22.87 -25.77 -22.19
C VAL B 184 -22.31 -25.95 -23.59
N GLU B 185 -21.26 -26.77 -23.72
CA GLU B 185 -20.66 -26.97 -25.03
C GLU B 185 -19.92 -28.32 -25.15
N LEU B 186 -20.03 -28.94 -26.31
CA LEU B 186 -19.22 -30.11 -26.64
C LEU B 186 -18.11 -29.67 -27.58
N GLN B 187 -16.89 -30.15 -27.35
CA GLN B 187 -15.79 -29.86 -28.27
C GLN B 187 -15.98 -30.64 -29.57
N GLU B 188 -15.32 -30.20 -30.63
CA GLU B 188 -15.48 -30.80 -31.95
C GLU B 188 -15.19 -32.30 -31.96
N GLY B 189 -16.14 -33.08 -32.49
CA GLY B 189 -15.96 -34.52 -32.62
C GLY B 189 -16.13 -35.28 -31.31
N VAL B 190 -16.75 -34.62 -30.33
CA VAL B 190 -17.00 -35.24 -29.04
C VAL B 190 -18.50 -35.43 -28.81
N SER B 191 -18.86 -36.55 -28.19
CA SER B 191 -20.27 -36.90 -28.03
C SER B 191 -20.73 -36.65 -26.61
N LEU B 192 -22.01 -36.33 -26.46
CA LEU B 192 -22.59 -36.15 -25.14
C LEU B 192 -22.24 -37.35 -24.24
N ASP B 193 -22.38 -38.55 -24.78
CA ASP B 193 -22.12 -39.75 -24.02
C ASP B 193 -20.65 -39.92 -23.60
N GLN B 194 -19.74 -39.48 -24.46
CA GLN B 194 -18.32 -39.51 -24.11
C GLN B 194 -18.06 -38.65 -22.87
N VAL B 195 -18.76 -37.52 -22.79
CA VAL B 195 -18.60 -36.62 -21.66
C VAL B 195 -19.21 -37.21 -20.38
N LYS B 196 -20.42 -37.72 -20.48
CA LYS B 196 -21.06 -38.35 -19.33
C LYS B 196 -20.16 -39.46 -18.80
N GLU B 197 -19.67 -40.27 -19.74
CA GLU B 197 -18.82 -41.41 -19.41
C GLU B 197 -17.54 -40.99 -18.70
N LYS B 198 -16.95 -39.89 -19.16
CA LYS B 198 -15.66 -39.46 -18.62
C LYS B 198 -15.75 -38.44 -17.48
N THR B 199 -16.97 -38.18 -17.01
CA THR B 199 -17.17 -37.19 -15.95
C THR B 199 -17.80 -37.81 -14.72
N GLU B 200 -17.14 -37.67 -13.57
CA GLU B 200 -17.69 -38.13 -12.30
C GLU B 200 -18.67 -37.11 -11.71
N ALA B 201 -18.32 -35.83 -11.84
CA ALA B 201 -19.16 -34.76 -11.31
C ALA B 201 -20.57 -34.86 -11.88
N GLU B 202 -21.57 -34.51 -11.08
CA GLU B 202 -22.94 -34.43 -11.55
C GLU B 202 -23.17 -33.06 -12.20
N PHE B 203 -23.81 -33.06 -13.36
CA PHE B 203 -24.04 -31.81 -14.07
C PHE B 203 -25.37 -31.80 -14.81
N GLU B 204 -25.87 -30.61 -15.12
CA GLU B 204 -27.07 -30.44 -15.91
C GLU B 204 -26.67 -30.25 -17.37
N VAL B 205 -27.43 -30.83 -18.27
CA VAL B 205 -27.13 -30.70 -19.69
C VAL B 205 -27.87 -29.51 -20.27
N ARG B 206 -27.11 -28.46 -20.50
CA ARG B 206 -27.54 -27.20 -21.09
C ARG B 206 -27.14 -26.94 -22.55
N LEU B 207 -26.73 -27.98 -23.27
CA LEU B 207 -26.45 -27.80 -24.70
C LEU B 207 -27.60 -27.12 -25.42
N ASN C 5 -7.57 3.59 -25.83
CA ASN C 5 -7.79 5.03 -25.72
C ASN C 5 -9.02 5.40 -24.87
N LYS C 6 -8.76 5.82 -23.63
CA LYS C 6 -9.81 6.19 -22.68
C LYS C 6 -10.08 7.69 -22.68
N VAL C 7 -9.44 8.42 -23.59
CA VAL C 7 -9.54 9.88 -23.61
C VAL C 7 -10.91 10.36 -24.04
N ILE C 8 -11.53 11.22 -23.22
CA ILE C 8 -12.81 11.85 -23.57
C ILE C 8 -12.63 13.36 -23.68
N THR C 9 -13.40 13.98 -24.56
CA THR C 9 -13.41 15.44 -24.64
C THR C 9 -14.59 16.09 -23.91
N ASP C 10 -15.49 15.26 -23.37
CA ASP C 10 -16.66 15.77 -22.66
C ASP C 10 -16.89 15.03 -21.36
N LEU C 11 -16.84 15.73 -20.23
CA LEU C 11 -17.02 15.11 -18.93
C LEU C 11 -18.28 14.27 -18.83
N ASP C 12 -19.33 14.69 -19.54
CA ASP C 12 -20.60 13.98 -19.50
C ASP C 12 -20.46 12.56 -20.04
N LYS C 13 -19.44 12.34 -20.86
CA LYS C 13 -19.16 11.00 -21.36
C LYS C 13 -18.85 10.08 -20.17
N ALA C 14 -18.09 10.61 -19.22
CA ALA C 14 -17.76 9.86 -18.00
C ALA C 14 -18.84 9.90 -16.92
N LEU C 15 -19.41 11.08 -16.69
CA LEU C 15 -20.28 11.31 -15.52
C LEU C 15 -21.79 11.24 -15.76
N SER C 16 -22.22 10.95 -16.98
CA SER C 16 -23.64 11.04 -17.32
C SER C 16 -24.55 10.28 -16.34
N ALA C 17 -24.08 9.15 -15.86
CA ALA C 17 -24.90 8.23 -15.06
C ALA C 17 -24.84 8.46 -13.54
N LEU C 18 -24.03 9.44 -13.11
CA LEU C 18 -23.95 9.74 -11.69
C LEU C 18 -25.26 10.37 -11.24
N LYS C 19 -25.89 9.78 -10.22
CA LYS C 19 -27.20 10.24 -9.74
C LYS C 19 -27.21 10.63 -8.27
N ASP C 20 -28.36 11.11 -7.80
CA ASP C 20 -28.54 11.43 -6.38
C ASP C 20 -28.34 10.20 -5.51
N GLY C 21 -27.75 10.39 -4.35
CA GLY C 21 -27.49 9.28 -3.44
C GLY C 21 -26.16 8.58 -3.70
N ASP C 22 -25.55 8.85 -4.84
CA ASP C 22 -24.30 8.18 -5.18
C ASP C 22 -23.17 8.55 -4.22
N THR C 23 -22.25 7.60 -4.03
CA THR C 23 -21.07 7.84 -3.20
C THR C 23 -19.90 8.19 -4.11
N ILE C 24 -19.30 9.35 -3.86
CA ILE C 24 -18.20 9.80 -4.68
C ILE C 24 -16.93 10.04 -3.85
N LEU C 25 -15.81 9.54 -4.36
CA LEU C 25 -14.50 9.70 -3.72
C LEU C 25 -13.73 10.80 -4.43
N VAL C 26 -13.39 11.86 -3.70
CA VAL C 26 -12.83 13.04 -4.31
C VAL C 26 -11.40 13.30 -3.81
N GLY C 27 -10.46 13.36 -4.76
CA GLY C 27 -9.07 13.56 -4.41
C GLY C 27 -8.79 15.00 -4.01
N GLY C 28 -7.58 15.23 -3.53
CA GLY C 28 -7.11 16.56 -3.18
C GLY C 28 -6.91 16.72 -1.69
N PHE C 29 -5.99 17.62 -1.35
CA PHE C 29 -5.65 17.93 0.03
C PHE C 29 -5.76 19.44 0.13
N GLY C 30 -6.75 19.92 0.88
CA GLY C 30 -7.09 21.32 0.84
C GLY C 30 -7.57 21.65 -0.56
N LEU C 31 -6.94 22.64 -1.19
CA LEU C 31 -7.22 22.95 -2.59
C LEU C 31 -6.17 22.33 -3.53
N CYS C 32 -5.23 21.58 -2.97
CA CYS C 32 -4.11 21.05 -3.72
C CYS C 32 -4.43 19.67 -4.31
N GLY C 33 -4.44 19.60 -5.64
CA GLY C 33 -4.74 18.36 -6.35
C GLY C 33 -6.22 18.03 -6.43
N ILE C 34 -7.07 19.05 -6.58
CA ILE C 34 -8.52 18.84 -6.68
C ILE C 34 -9.05 18.74 -8.11
N PRO C 35 -10.02 17.84 -8.32
CA PRO C 35 -10.67 17.70 -9.62
C PRO C 35 -11.65 18.86 -9.87
N GLU C 36 -11.13 20.00 -10.29
CA GLU C 36 -11.95 21.20 -10.47
C GLU C 36 -13.09 21.00 -11.48
N TYR C 37 -12.76 20.50 -12.66
CA TYR C 37 -13.78 20.30 -13.69
C TYR C 37 -14.88 19.32 -13.29
N ALA C 38 -14.54 18.27 -12.56
CA ALA C 38 -15.53 17.30 -12.12
C ALA C 38 -16.47 17.92 -11.10
N ILE C 39 -15.89 18.55 -10.08
CA ILE C 39 -16.67 19.25 -9.06
C ILE C 39 -17.58 20.26 -9.73
N ASP C 40 -17.11 20.85 -10.83
CA ASP C 40 -17.85 21.86 -11.55
C ASP C 40 -19.05 21.29 -12.30
N TYR C 41 -18.85 20.12 -12.92
CA TYR C 41 -19.93 19.44 -13.63
C TYR C 41 -21.09 19.12 -12.67
N ILE C 42 -20.75 18.82 -11.43
CA ILE C 42 -21.75 18.42 -10.43
C ILE C 42 -22.48 19.62 -9.85
N TYR C 43 -21.80 20.75 -9.79
CA TYR C 43 -22.40 21.97 -9.28
C TYR C 43 -23.43 22.46 -10.28
N LYS C 44 -23.08 22.40 -11.56
CA LYS C 44 -23.98 22.82 -12.62
C LYS C 44 -25.21 21.92 -12.71
N LYS C 45 -25.00 20.61 -12.68
CA LYS C 45 -26.08 19.65 -12.89
C LYS C 45 -26.98 19.50 -11.67
N GLY C 46 -26.49 19.91 -10.51
CA GLY C 46 -27.27 19.88 -9.29
C GLY C 46 -27.62 18.51 -8.74
N ILE C 47 -26.67 17.57 -8.81
CA ILE C 47 -26.85 16.26 -8.19
C ILE C 47 -26.96 16.45 -6.68
N LYS C 48 -27.88 15.71 -6.06
CA LYS C 48 -28.26 15.94 -4.67
C LYS C 48 -28.05 14.72 -3.79
N ASP C 49 -28.06 14.93 -2.47
CA ASP C 49 -27.97 13.84 -1.51
C ASP C 49 -26.70 13.00 -1.69
N LEU C 50 -25.63 13.63 -2.17
CA LEU C 50 -24.38 12.91 -2.40
C LEU C 50 -23.71 12.50 -1.10
N ILE C 51 -23.13 11.31 -1.09
CA ILE C 51 -22.22 10.92 -0.03
C ILE C 51 -20.80 11.14 -0.54
N VAL C 52 -20.06 12.03 0.12
CA VAL C 52 -18.74 12.42 -0.35
C VAL C 52 -17.63 11.96 0.58
N VAL C 53 -16.60 11.35 0.00
CA VAL C 53 -15.42 10.98 0.74
C VAL C 53 -14.24 11.80 0.23
N SER C 54 -13.76 12.73 1.05
CA SER C 54 -12.66 13.64 0.66
C SER C 54 -11.94 14.04 1.95
N ASN C 55 -10.64 14.30 1.86
CA ASN C 55 -9.91 14.60 3.08
C ASN C 55 -10.37 15.89 3.73
N ASN C 56 -10.68 16.88 2.90
CA ASN C 56 -11.24 18.12 3.39
C ASN C 56 -12.49 18.44 2.58
N CYS C 57 -13.17 19.52 2.94
CA CYS C 57 -14.28 20.04 2.16
C CYS C 57 -13.93 21.22 1.27
N GLY C 58 -12.63 21.49 1.15
CA GLY C 58 -12.18 22.63 0.38
C GLY C 58 -12.38 23.91 1.16
N VAL C 59 -12.79 24.97 0.48
CA VAL C 59 -13.03 26.26 1.13
C VAL C 59 -14.37 26.84 0.70
N ASP C 60 -14.78 27.88 1.39
CA ASP C 60 -16.12 28.43 1.24
C ASP C 60 -16.51 28.62 -0.22
N ASP C 61 -15.65 29.29 -0.98
CA ASP C 61 -15.93 29.58 -2.39
C ASP C 61 -15.26 28.67 -3.45
N PHE C 62 -14.56 27.62 -3.01
CA PHE C 62 -13.84 26.77 -3.97
C PHE C 62 -13.66 25.32 -3.52
N GLY C 63 -13.39 24.43 -4.48
CA GLY C 63 -13.28 23.01 -4.20
C GLY C 63 -14.64 22.39 -3.87
N LEU C 64 -14.68 21.55 -2.85
CA LEU C 64 -15.91 20.87 -2.48
C LEU C 64 -16.88 21.81 -1.77
N GLY C 65 -16.35 22.89 -1.21
CA GLY C 65 -17.18 23.90 -0.58
C GLY C 65 -18.27 24.36 -1.52
N ILE C 66 -17.97 24.31 -2.82
CA ILE C 66 -18.89 24.72 -3.87
C ILE C 66 -20.25 24.05 -3.73
N LEU C 67 -20.23 22.73 -3.54
CA LEU C 67 -21.45 21.96 -3.52
C LEU C 67 -22.33 22.26 -2.30
N LEU C 68 -21.74 22.87 -1.27
CA LEU C 68 -22.48 23.18 -0.04
C LEU C 68 -23.52 24.27 -0.24
N GLU C 69 -23.28 25.15 -1.21
CA GLU C 69 -24.19 26.24 -1.52
C GLU C 69 -25.64 25.77 -1.72
N LYS C 70 -25.81 24.81 -2.62
CA LYS C 70 -27.12 24.24 -2.90
C LYS C 70 -27.37 22.97 -2.07
N LYS C 71 -26.48 22.69 -1.13
CA LYS C 71 -26.65 21.58 -0.20
C LYS C 71 -26.75 20.23 -0.92
N GLN C 72 -25.83 19.98 -1.84
CA GLN C 72 -25.87 18.75 -2.63
C GLN C 72 -25.27 17.57 -1.88
N ILE C 73 -24.62 17.85 -0.76
CA ILE C 73 -23.96 16.80 0.01
C ILE C 73 -24.75 16.48 1.27
N LYS C 74 -25.31 15.28 1.32
CA LYS C 74 -26.01 14.85 2.52
C LYS C 74 -25.05 14.36 3.60
N LYS C 75 -23.99 13.69 3.17
CA LYS C 75 -23.03 13.11 4.11
C LYS C 75 -21.61 13.21 3.58
N ILE C 76 -20.67 13.58 4.45
CA ILE C 76 -19.26 13.65 4.08
C ILE C 76 -18.37 12.98 5.11
N ILE C 77 -17.46 12.16 4.60
CA ILE C 77 -16.47 11.49 5.42
C ILE C 77 -15.15 12.21 5.15
N ALA C 78 -14.58 12.83 6.18
CA ALA C 78 -13.38 13.66 6.03
C ALA C 78 -12.54 13.64 7.31
N SER C 79 -11.27 14.02 7.20
CA SER C 79 -10.44 14.18 8.41
C SER C 79 -10.32 15.58 8.97
N TYR C 80 -10.55 16.59 8.12
CA TYR C 80 -10.32 17.97 8.54
C TYR C 80 -11.23 18.95 7.81
N VAL C 81 -11.98 19.74 8.55
CA VAL C 81 -12.66 20.87 7.91
C VAL C 81 -12.00 22.23 8.17
N GLY C 82 -10.88 22.23 8.89
CA GLY C 82 -10.35 23.43 9.54
C GLY C 82 -10.21 24.73 8.76
N GLU C 83 -9.94 24.65 7.47
CA GLU C 83 -9.76 25.84 6.64
C GLU C 83 -11.08 26.51 6.24
N ASN C 84 -12.19 25.82 6.50
CA ASN C 84 -13.50 26.24 6.04
C ASN C 84 -14.39 26.83 7.13
N LYS C 85 -14.99 27.99 6.84
CA LYS C 85 -15.82 28.70 7.81
C LYS C 85 -17.28 28.28 7.74
N ILE C 86 -17.93 28.55 6.61
CA ILE C 86 -19.35 28.27 6.43
C ILE C 86 -19.70 26.86 6.85
N PHE C 87 -18.77 25.93 6.62
CA PHE C 87 -19.00 24.53 6.91
C PHE C 87 -19.52 24.32 8.34
N MSE C 91 -23.50 22.32 9.25
CA MSE C 91 -23.12 21.26 10.16
C MSE C 91 -23.93 21.34 11.46
O MSE C 91 -24.71 20.44 11.76
CB MSE C 91 -21.62 21.31 10.48
CG MSE C 91 -21.12 20.17 11.36
SE MSE C 91 -19.17 20.00 11.27
CE MSE C 91 -18.89 18.53 12.51
N LEU C 92 -23.75 22.43 12.20
CA LEU C 92 -24.54 22.68 13.41
C LEU C 92 -26.02 22.75 13.06
N ASN C 93 -26.29 23.01 11.79
CA ASN C 93 -27.63 22.96 11.25
C ASN C 93 -28.16 21.51 11.28
N GLY C 94 -27.30 20.58 10.91
CA GLY C 94 -27.68 19.18 10.86
C GLY C 94 -28.12 18.79 9.46
N GLU C 95 -28.01 19.74 8.54
CA GLU C 95 -28.38 19.50 7.15
C GLU C 95 -27.33 18.60 6.48
N ILE C 96 -26.16 18.51 7.10
CA ILE C 96 -25.10 17.65 6.60
C ILE C 96 -24.52 16.81 7.74
N GLU C 97 -24.50 15.49 7.53
CA GLU C 97 -23.85 14.58 8.46
C GLU C 97 -22.35 14.53 8.19
N VAL C 98 -21.55 14.67 9.24
CA VAL C 98 -20.11 14.69 9.09
C VAL C 98 -19.47 13.59 9.92
N VAL C 99 -18.84 12.64 9.23
CA VAL C 99 -18.11 11.61 9.92
C VAL C 99 -16.63 11.97 9.86
N LEU C 100 -16.11 12.44 10.98
CA LEU C 100 -14.71 12.81 11.05
C LEU C 100 -13.89 11.56 11.24
N THR C 101 -12.94 11.35 10.35
CA THR C 101 -12.11 10.16 10.39
C THR C 101 -10.66 10.60 10.45
N PRO C 102 -9.83 9.89 11.23
CA PRO C 102 -8.41 10.24 11.24
C PRO C 102 -7.80 10.06 9.85
N GLN C 103 -7.03 11.05 9.39
CA GLN C 103 -6.51 11.08 8.02
C GLN C 103 -5.85 9.76 7.60
N GLY C 104 -5.05 9.17 8.48
CA GLY C 104 -4.41 7.90 8.19
C GLY C 104 -5.40 6.78 7.99
N THR C 105 -6.47 6.79 8.78
CA THR C 105 -7.53 5.81 8.64
C THR C 105 -8.29 6.01 7.34
N LEU C 106 -8.61 7.26 7.03
CA LEU C 106 -9.27 7.58 5.77
C LEU C 106 -8.43 7.04 4.61
N ALA C 107 -7.15 7.40 4.57
CA ALA C 107 -6.29 6.91 3.49
C ALA C 107 -6.27 5.38 3.43
N GLU C 108 -6.17 4.72 4.58
CA GLU C 108 -6.00 3.28 4.58
C GLU C 108 -7.33 2.56 4.27
N ASN C 109 -8.42 3.15 4.71
CA ASN C 109 -9.76 2.67 4.34
C ASN C 109 -9.94 2.62 2.83
N LEU C 110 -9.49 3.68 2.15
CA LEU C 110 -9.62 3.77 0.70
C LEU C 110 -8.72 2.76 0.05
N HIS C 111 -7.48 2.70 0.53
CA HIS C 111 -6.53 1.73 0.03
C HIS C 111 -7.07 0.32 0.17
N ALA C 112 -7.64 0.01 1.33
CA ALA C 112 -8.22 -1.32 1.56
C ALA C 112 -9.36 -1.58 0.57
N GLY C 113 -10.19 -0.56 0.35
CA GLY C 113 -11.27 -0.66 -0.62
C GLY C 113 -10.80 -1.01 -2.01
N GLY C 114 -9.70 -0.39 -2.45
CA GLY C 114 -9.18 -0.67 -3.77
C GLY C 114 -8.49 -2.02 -3.84
N ALA C 115 -7.99 -2.48 -2.69
CA ALA C 115 -7.18 -3.69 -2.62
C ALA C 115 -7.95 -4.95 -2.21
N GLY C 116 -9.26 -4.85 -2.06
CA GLY C 116 -10.09 -6.01 -1.76
C GLY C 116 -10.00 -6.48 -0.32
N ILE C 117 -9.60 -5.57 0.56
CA ILE C 117 -9.52 -5.87 1.98
C ILE C 117 -10.69 -5.21 2.69
N PRO C 118 -11.54 -6.01 3.33
CA PRO C 118 -12.76 -5.52 3.99
C PRO C 118 -12.49 -4.71 5.26
N ALA C 119 -11.47 -5.14 6.01
CA ALA C 119 -11.20 -4.53 7.31
C ALA C 119 -9.78 -4.83 7.76
N TYR C 120 -9.28 -3.99 8.67
CA TYR C 120 -7.92 -4.07 9.16
C TYR C 120 -7.89 -3.36 10.51
N TYR C 121 -6.85 -3.60 11.31
CA TYR C 121 -6.74 -2.97 12.61
C TYR C 121 -5.76 -1.83 12.59
N THR C 122 -6.04 -0.79 13.36
CA THR C 122 -5.13 0.32 13.52
C THR C 122 -5.18 0.82 14.96
N PRO C 123 -4.02 1.23 15.49
CA PRO C 123 -3.87 1.83 16.82
C PRO C 123 -4.49 3.21 16.88
N THR C 124 -4.62 3.85 15.72
CA THR C 124 -5.10 5.22 15.63
C THR C 124 -6.54 5.35 16.09
N GLY C 125 -6.80 6.24 17.03
CA GLY C 125 -8.16 6.53 17.45
C GLY C 125 -8.58 5.80 18.72
N VAL C 126 -7.76 4.87 19.18
CA VAL C 126 -8.03 4.18 20.42
C VAL C 126 -8.17 5.21 21.56
N GLY C 127 -9.19 5.04 22.40
CA GLY C 127 -9.39 5.92 23.54
C GLY C 127 -9.87 7.31 23.18
N THR C 128 -10.53 7.44 22.03
CA THR C 128 -11.10 8.71 21.61
C THR C 128 -12.53 8.44 21.17
N LEU C 129 -13.24 9.47 20.75
CA LEU C 129 -14.59 9.28 20.25
C LEU C 129 -14.58 8.39 19.00
N ILE C 130 -13.45 8.39 18.30
CA ILE C 130 -13.27 7.60 17.09
C ILE C 130 -13.49 6.11 17.32
N ALA C 131 -13.15 5.63 18.51
CA ALA C 131 -13.30 4.21 18.82
C ALA C 131 -14.74 3.81 19.13
N GLN C 132 -15.60 4.80 19.38
CA GLN C 132 -17.00 4.51 19.72
C GLN C 132 -17.65 3.63 18.67
N GLY C 133 -18.32 2.56 19.11
CA GLY C 133 -19.09 1.72 18.21
C GLY C 133 -18.23 0.88 17.27
N LYS C 134 -16.94 0.79 17.55
CA LYS C 134 -16.06 -0.06 16.76
C LYS C 134 -15.46 -1.19 17.60
N GLU C 135 -15.21 -2.32 16.96
CA GLU C 135 -14.56 -3.43 17.64
C GLU C 135 -13.14 -3.03 18.00
N SER C 136 -12.72 -3.37 19.21
CA SER C 136 -11.34 -3.18 19.61
C SER C 136 -10.72 -4.54 19.88
N ARG C 137 -9.40 -4.62 19.80
CA ARG C 137 -8.72 -5.87 20.03
C ARG C 137 -7.28 -5.63 20.42
N GLU C 138 -6.67 -6.63 21.06
CA GLU C 138 -5.30 -6.48 21.50
C GLU C 138 -4.33 -7.33 20.69
N PHE C 139 -3.21 -6.73 20.29
CA PHE C 139 -2.12 -7.45 19.65
C PHE C 139 -0.82 -7.05 20.31
N ASN C 140 -0.15 -8.02 20.96
CA ASN C 140 1.13 -7.79 21.62
C ASN C 140 1.10 -6.65 22.64
N GLY C 141 0.10 -6.68 23.52
CA GLY C 141 0.03 -5.72 24.62
C GLY C 141 -0.49 -4.35 24.23
N LYS C 142 -0.80 -4.16 22.94
CA LYS C 142 -1.35 -2.90 22.48
C LYS C 142 -2.79 -3.08 21.99
N GLU C 143 -3.61 -2.05 22.15
CA GLU C 143 -4.98 -2.09 21.67
C GLU C 143 -5.09 -1.45 20.29
N TYR C 144 -5.92 -2.06 19.44
CA TYR C 144 -6.16 -1.59 18.08
C TYR C 144 -7.66 -1.62 17.82
N ILE C 145 -8.16 -0.72 16.98
CA ILE C 145 -9.58 -0.77 16.63
C ILE C 145 -9.76 -1.18 15.18
N LEU C 146 -10.89 -1.81 14.90
CA LEU C 146 -11.15 -2.33 13.57
C LEU C 146 -11.82 -1.27 12.69
N GLU C 147 -11.23 -1.04 11.52
CA GLU C 147 -11.74 -0.05 10.58
C GLU C 147 -12.13 -0.74 9.28
N ARG C 148 -13.18 -0.21 8.65
CA ARG C 148 -13.76 -0.84 7.48
C ARG C 148 -13.37 -0.12 6.20
N ALA C 149 -13.22 -0.91 5.14
CA ALA C 149 -12.86 -0.37 3.84
C ALA C 149 -13.88 0.64 3.37
N ILE C 150 -13.43 1.60 2.56
CA ILE C 150 -14.33 2.51 1.87
C ILE C 150 -14.25 2.28 0.37
N THR C 151 -15.41 2.22 -0.28
CA THR C 151 -15.49 2.17 -1.73
C THR C 151 -16.54 3.19 -2.18
N GLY C 152 -16.56 3.47 -3.47
CA GLY C 152 -17.49 4.47 -3.98
C GLY C 152 -17.88 4.21 -5.43
N ASP C 153 -18.90 4.93 -5.89
CA ASP C 153 -19.40 4.76 -7.24
C ASP C 153 -18.48 5.44 -8.27
N TYR C 154 -17.99 6.63 -7.91
CA TYR C 154 -17.15 7.43 -8.79
C TYR C 154 -15.93 7.95 -8.06
N GLY C 155 -14.74 7.74 -8.61
CA GLY C 155 -13.60 8.52 -8.17
C GLY C 155 -13.41 9.75 -9.04
N LEU C 156 -13.19 10.90 -8.42
CA LEU C 156 -12.92 12.11 -9.17
C LEU C 156 -11.55 12.59 -8.74
N ILE C 157 -10.58 12.46 -9.65
CA ILE C 157 -9.21 12.71 -9.27
C ILE C 157 -8.53 13.66 -10.23
N LYS C 158 -7.45 14.24 -9.74
CA LYS C 158 -6.66 15.20 -10.47
C LYS C 158 -5.25 14.61 -10.56
N ALA C 159 -4.63 14.74 -11.73
CA ALA C 159 -3.23 14.35 -11.90
C ALA C 159 -2.54 15.33 -12.85
N TYR C 160 -1.23 15.20 -13.01
CA TYR C 160 -0.51 16.09 -13.91
C TYR C 160 -0.59 15.63 -15.36
N LYS C 161 -0.30 14.36 -15.57
CA LYS C 161 -0.09 13.87 -16.91
C LYS C 161 -0.59 12.43 -17.03
N SER C 162 -1.16 12.11 -18.20
CA SER C 162 -1.66 10.78 -18.46
C SER C 162 -1.22 10.35 -19.84
N ASP C 163 -1.14 9.05 -20.08
CA ASP C 163 -1.04 8.57 -21.45
C ASP C 163 -2.43 8.14 -21.87
N THR C 164 -2.56 7.68 -23.11
CA THR C 164 -3.87 7.30 -23.63
C THR C 164 -4.44 6.03 -22.97
N LEU C 165 -3.58 5.29 -22.28
CA LEU C 165 -4.00 4.08 -21.59
C LEU C 165 -4.40 4.37 -20.13
N GLY C 166 -4.36 5.64 -19.76
CA GLY C 166 -4.78 6.05 -18.43
C GLY C 166 -3.70 5.92 -17.36
N ASN C 167 -2.48 5.60 -17.76
CA ASN C 167 -1.35 5.67 -16.84
C ASN C 167 -1.16 7.11 -16.38
N LEU C 168 -1.07 7.32 -15.07
CA LEU C 168 -0.96 8.69 -14.53
C LEU C 168 0.34 8.95 -13.79
N VAL C 169 0.80 10.21 -13.88
CA VAL C 169 1.80 10.70 -12.95
C VAL C 169 1.25 11.95 -12.25
N PHE C 170 1.52 12.07 -10.97
CA PHE C 170 1.07 13.23 -10.22
C PHE C 170 2.26 14.15 -10.03
N ARG C 171 2.01 15.32 -9.44
CA ARG C 171 3.05 16.32 -9.30
C ARG C 171 3.12 16.83 -7.86
N LYS C 172 4.23 16.60 -7.21
CA LYS C 172 4.47 17.09 -5.88
C LYS C 172 3.44 16.68 -4.84
N THR C 173 2.99 17.60 -4.00
CA THR C 173 2.05 17.27 -2.94
C THR C 173 0.64 17.20 -3.47
N ALA C 174 0.50 17.49 -4.75
CA ALA C 174 -0.77 17.40 -5.41
C ALA C 174 -1.28 15.95 -5.46
N ARG C 175 -0.39 14.98 -5.32
CA ARG C 175 -0.83 13.61 -5.36
C ARG C 175 -1.78 13.17 -4.22
N ASN C 176 -1.34 13.31 -2.98
CA ASN C 176 -2.19 13.03 -1.83
C ASN C 176 -3.11 11.79 -1.92
N PHE C 177 -4.38 12.05 -1.74
CA PHE C 177 -5.43 11.07 -1.83
C PHE C 177 -5.80 10.56 -3.22
N ASN C 178 -5.44 11.29 -4.26
CA ASN C 178 -5.89 11.01 -5.62
C ASN C 178 -5.86 9.54 -6.06
N PRO C 179 -4.67 8.89 -6.01
CA PRO C 179 -4.62 7.51 -6.47
C PRO C 179 -5.51 6.58 -5.64
N LEU C 180 -5.65 6.86 -4.35
CA LEU C 180 -6.50 6.05 -3.49
C LEU C 180 -7.96 6.13 -3.94
N CYS C 181 -8.43 7.33 -4.30
CA CYS C 181 -9.80 7.49 -4.75
C CYS C 181 -10.07 6.72 -6.04
N ALA C 182 -9.08 6.69 -6.93
CA ALA C 182 -9.20 5.95 -8.19
C ALA C 182 -9.39 4.45 -7.93
N MSE C 183 -8.47 3.89 -7.15
CA MSE C 183 -8.48 2.47 -6.87
C MSE C 183 -9.74 1.96 -6.17
O MSE C 183 -10.16 0.82 -6.39
CB MSE C 183 -7.23 2.11 -6.07
CG MSE C 183 -5.96 2.27 -6.91
SE MSE C 183 -4.38 1.60 -6.03
CE MSE C 183 -4.45 2.67 -4.42
N ALA C 184 -10.35 2.79 -5.34
CA ALA C 184 -11.47 2.34 -4.52
C ALA C 184 -12.81 2.65 -5.15
N ALA C 185 -12.80 3.24 -6.33
CA ALA C 185 -14.03 3.67 -6.99
C ALA C 185 -14.36 2.80 -8.21
N LYS C 186 -15.63 2.50 -8.38
CA LYS C 186 -16.07 1.69 -9.51
C LYS C 186 -15.69 2.37 -10.82
N ILE C 187 -16.07 3.63 -10.96
CA ILE C 187 -15.75 4.39 -12.16
C ILE C 187 -14.86 5.58 -11.81
N CYS C 188 -13.63 5.56 -12.31
CA CYS C 188 -12.71 6.65 -12.04
C CYS C 188 -12.51 7.51 -13.26
N VAL C 189 -12.73 8.81 -13.09
CA VAL C 189 -12.37 9.76 -14.13
C VAL C 189 -11.28 10.70 -13.61
N ALA C 190 -10.22 10.87 -14.40
CA ALA C 190 -9.12 11.72 -14.00
C ALA C 190 -9.01 12.93 -14.91
N GLU C 191 -8.92 14.11 -14.33
CA GLU C 191 -8.64 15.30 -15.10
C GLU C 191 -7.15 15.66 -15.00
N VAL C 192 -6.52 15.90 -16.15
CA VAL C 192 -5.08 16.08 -16.23
C VAL C 192 -4.71 17.32 -17.04
N GLU C 193 -3.47 17.80 -16.88
CA GLU C 193 -2.99 18.96 -17.62
C GLU C 193 -2.32 18.59 -18.95
N GLU C 194 -1.95 17.32 -19.09
CA GLU C 194 -1.23 16.89 -20.27
C GLU C 194 -1.59 15.45 -20.56
N ILE C 195 -1.71 15.14 -21.85
CA ILE C 195 -1.90 13.78 -22.29
C ILE C 195 -0.83 13.48 -23.33
N VAL C 196 -0.22 12.31 -23.24
CA VAL C 196 0.79 11.92 -24.19
C VAL C 196 0.40 10.55 -24.76
N PRO C 197 0.97 10.18 -25.91
CA PRO C 197 0.70 8.88 -26.51
C PRO C 197 1.24 7.74 -25.65
N ALA C 198 0.60 6.58 -25.67
CA ALA C 198 1.10 5.42 -24.94
C ALA C 198 2.55 5.16 -25.36
N GLY C 199 3.41 4.96 -24.38
CA GLY C 199 4.83 4.74 -24.66
C GLY C 199 5.71 5.93 -24.33
N GLU C 200 5.10 7.10 -24.18
CA GLU C 200 5.86 8.29 -23.81
C GLU C 200 6.12 8.40 -22.31
N LEU C 201 5.34 7.67 -21.52
CA LEU C 201 5.58 7.62 -20.08
C LEU C 201 6.39 6.36 -19.76
N ASP C 202 7.53 6.53 -19.12
CA ASP C 202 8.33 5.37 -18.76
C ASP C 202 7.57 4.48 -17.78
N PRO C 203 7.60 3.16 -18.02
CA PRO C 203 6.97 2.15 -17.17
C PRO C 203 7.39 2.28 -15.71
N ASP C 204 8.63 2.70 -15.47
CA ASP C 204 9.12 2.83 -14.10
C ASP C 204 8.87 4.24 -13.51
N GLU C 205 8.30 5.13 -14.32
CA GLU C 205 7.92 6.47 -13.84
C GLU C 205 6.43 6.67 -13.54
N ILE C 206 5.63 5.66 -13.80
CA ILE C 206 4.18 5.77 -13.66
C ILE C 206 3.75 5.64 -12.19
N HIS C 207 2.95 6.58 -11.71
CA HIS C 207 2.41 6.49 -10.35
C HIS C 207 1.19 5.60 -10.22
N LEU C 208 0.21 5.80 -11.11
CA LEU C 208 -0.99 4.99 -11.14
C LEU C 208 -1.17 4.28 -12.49
N PRO C 209 -1.14 2.94 -12.49
CA PRO C 209 -1.39 2.18 -13.73
C PRO C 209 -2.80 2.45 -14.25
N GLY C 210 -2.92 2.56 -15.57
CA GLY C 210 -4.18 2.90 -16.21
C GLY C 210 -5.34 1.96 -15.96
N ILE C 211 -5.06 0.76 -15.47
CA ILE C 211 -6.14 -0.17 -15.15
C ILE C 211 -7.13 0.45 -14.16
N TYR C 212 -6.67 1.40 -13.34
CA TYR C 212 -7.53 2.08 -12.36
C TYR C 212 -8.31 3.27 -12.91
N VAL C 213 -8.03 3.66 -14.14
CA VAL C 213 -8.62 4.86 -14.72
C VAL C 213 -9.55 4.50 -15.87
N GLN C 214 -10.84 4.80 -15.72
CA GLN C 214 -11.80 4.54 -16.79
C GLN C 214 -11.85 5.64 -17.84
N HIS C 215 -11.60 6.87 -17.41
CA HIS C 215 -11.70 8.02 -18.33
C HIS C 215 -10.64 9.07 -18.03
N ILE C 216 -10.17 9.75 -19.09
CA ILE C 216 -9.14 10.77 -18.98
C ILE C 216 -9.58 12.07 -19.63
N TYR C 217 -9.47 13.17 -18.89
CA TYR C 217 -9.94 14.46 -19.39
C TYR C 217 -8.91 15.56 -19.20
N LYS C 218 -8.56 16.23 -20.29
CA LYS C 218 -7.61 17.34 -20.24
C LYS C 218 -8.32 18.66 -20.03
N GLY C 219 -8.09 19.28 -18.88
CA GLY C 219 -8.67 20.58 -18.61
C GLY C 219 -7.83 21.65 -19.27
N GLU C 220 -8.48 22.70 -19.77
CA GLU C 220 -7.73 23.77 -20.42
C GLU C 220 -6.94 24.53 -19.38
N LYS C 221 -7.60 24.91 -18.31
CA LYS C 221 -6.94 25.68 -17.26
C LYS C 221 -7.44 25.28 -15.89
N PHE C 222 -6.52 25.01 -14.98
CA PHE C 222 -6.87 24.74 -13.60
C PHE C 222 -6.52 25.99 -12.81
N GLU C 223 -7.42 26.42 -11.93
CA GLU C 223 -7.17 27.63 -11.16
C GLU C 223 -6.04 27.39 -10.16
N LYS C 224 -6.01 26.20 -9.57
CA LYS C 224 -4.99 25.87 -8.58
C LYS C 224 -4.84 26.99 -7.56
N ARG C 225 -5.90 27.25 -6.80
CA ARG C 225 -5.86 28.30 -5.80
C ARG C 225 -5.02 27.91 -4.60
N ILE C 226 -4.32 28.90 -4.05
CA ILE C 226 -3.50 28.73 -2.86
C ILE C 226 -4.17 29.39 -1.65
N GLU C 227 -4.39 28.61 -0.59
CA GLU C 227 -5.02 29.12 0.62
C GLU C 227 -4.13 30.10 1.37
N LYS C 228 -2.93 29.64 1.69
CA LYS C 228 -1.99 30.47 2.44
C LYS C 228 -0.67 30.57 1.67
N ILE C 229 -0.36 31.78 1.20
CA ILE C 229 0.86 32.03 0.46
C ILE C 229 1.92 32.52 1.42
N THR C 230 2.95 31.71 1.64
CA THR C 230 4.01 32.08 2.56
C THR C 230 5.35 32.13 1.82
N THR C 231 6.04 33.26 1.95
CA THR C 231 7.33 33.48 1.30
C THR C 231 8.40 33.84 2.33
N ARG C 232 9.66 33.76 1.93
CA ARG C 232 10.76 34.11 2.83
C ARG C 232 11.39 35.46 2.47
N SER C 233 12.44 35.81 3.21
CA SER C 233 13.23 37.02 2.98
C SER C 233 12.68 37.95 1.90
N ARG D 2 7.06 32.87 24.72
CA ARG D 2 6.84 31.88 23.67
C ARG D 2 8.13 31.45 23.00
N GLU D 3 9.10 32.36 22.91
CA GLU D 3 10.40 32.03 22.35
C GLU D 3 11.06 30.94 23.20
N ALA D 4 10.78 30.97 24.50
CA ALA D 4 11.31 29.98 25.42
C ALA D 4 10.79 28.59 25.07
N ILE D 5 9.55 28.53 24.58
CA ILE D 5 8.97 27.26 24.17
C ILE D 5 9.70 26.69 22.95
N ILE D 6 9.75 27.49 21.89
CA ILE D 6 10.33 27.07 20.63
C ILE D 6 11.80 26.66 20.80
N LYS D 7 12.57 27.53 21.44
CA LYS D 7 13.99 27.26 21.64
C LYS D 7 14.22 25.98 22.43
N ARG D 8 13.46 25.81 23.51
CA ARG D 8 13.61 24.62 24.33
C ARG D 8 13.24 23.35 23.55
N ALA D 9 12.23 23.45 22.70
CA ALA D 9 11.84 22.33 21.85
C ALA D 9 12.90 22.03 20.80
N ALA D 10 13.59 23.08 20.34
CA ALA D 10 14.63 22.89 19.33
C ALA D 10 15.73 21.96 19.84
N LYS D 11 15.95 21.97 21.15
CA LYS D 11 16.99 21.13 21.73
C LYS D 11 16.67 19.62 21.67
N GLU D 12 15.41 19.29 21.42
CA GLU D 12 15.01 17.90 21.34
C GLU D 12 15.32 17.27 19.98
N LEU D 13 15.62 18.10 19.00
CA LEU D 13 15.96 17.58 17.69
C LEU D 13 17.42 17.15 17.66
N LYS D 14 17.69 16.03 17.01
CA LYS D 14 19.05 15.53 16.91
C LYS D 14 19.37 15.19 15.46
N GLU D 15 20.66 15.26 15.12
CA GLU D 15 21.12 14.97 13.77
C GLU D 15 20.65 13.62 13.28
N GLY D 16 20.16 13.58 12.04
CA GLY D 16 19.76 12.32 11.44
C GLY D 16 18.31 11.91 11.69
N MSE D 17 17.58 12.76 12.40
CA MSE D 17 16.19 12.47 12.72
C MSE D 17 15.24 12.75 11.56
O MSE D 17 15.48 13.64 10.74
CB MSE D 17 15.74 13.29 13.93
CG MSE D 17 15.85 12.58 15.26
SE MSE D 17 15.11 13.71 16.67
CE MSE D 17 15.42 12.50 18.18
N TYR D 18 14.16 11.98 11.50
CA TYR D 18 13.02 12.30 10.66
C TYR D 18 11.92 12.81 11.58
N VAL D 19 11.46 14.02 11.30
CA VAL D 19 10.63 14.76 12.23
C VAL D 19 9.37 15.27 11.54
N ASN D 20 8.24 15.17 12.22
CA ASN D 20 7.02 15.81 11.75
C ASN D 20 6.60 16.92 12.71
N LEU D 21 6.51 18.14 12.19
CA LEU D 21 6.10 19.29 12.98
C LEU D 21 4.62 19.58 12.73
N GLY D 22 3.82 19.54 13.78
CA GLY D 22 2.39 19.79 13.63
C GLY D 22 2.11 21.27 13.42
N ILE D 23 0.92 21.61 12.94
CA ILE D 23 0.62 23.02 12.68
C ILE D 23 0.47 23.84 13.97
N GLY D 24 0.64 25.15 13.87
CA GLY D 24 0.70 25.98 15.07
C GLY D 24 2.12 26.16 15.56
N LEU D 25 2.29 26.30 16.87
CA LEU D 25 3.62 26.52 17.43
C LEU D 25 4.72 25.61 16.84
N PRO D 26 4.43 24.32 16.64
CA PRO D 26 5.53 23.43 16.26
C PRO D 26 6.22 23.82 14.95
N THR D 27 5.54 24.53 14.07
CA THR D 27 6.17 24.88 12.80
C THR D 27 7.34 25.84 13.00
N LEU D 28 7.28 26.63 14.07
CA LEU D 28 8.32 27.62 14.34
C LEU D 28 9.65 26.96 14.71
N VAL D 29 9.57 25.72 15.18
CA VAL D 29 10.76 24.98 15.59
C VAL D 29 11.74 24.80 14.44
N ALA D 30 11.21 24.74 13.22
CA ALA D 30 12.05 24.56 12.05
C ALA D 30 13.15 25.63 11.95
N ASN D 31 12.83 26.86 12.36
CA ASN D 31 13.77 27.98 12.24
C ASN D 31 14.94 27.95 13.23
N GLU D 32 14.77 27.24 14.34
CA GLU D 32 15.79 27.19 15.38
C GLU D 32 16.83 26.09 15.13
N VAL D 33 16.51 25.19 14.21
CA VAL D 33 17.33 24.02 13.95
C VAL D 33 18.25 24.07 12.72
N SER D 34 18.30 25.22 12.05
CA SER D 34 18.89 25.32 10.71
C SER D 34 20.31 24.75 10.55
N GLY D 35 21.05 24.64 11.64
CA GLY D 35 22.41 24.13 11.57
C GLY D 35 22.51 22.62 11.73
N MSE D 36 21.38 21.92 11.58
CA MSE D 36 21.34 20.49 11.81
C MSE D 36 20.94 19.70 10.57
O MSE D 36 20.26 20.22 9.68
CB MSE D 36 20.37 20.14 12.94
CG MSE D 36 20.80 20.61 14.31
SE MSE D 36 19.72 19.72 15.66
CE MSE D 36 20.18 20.83 17.20
N ASN D 37 21.32 18.44 10.55
CA ASN D 37 20.92 17.57 9.47
C ASN D 37 19.63 16.87 9.91
N ILE D 38 18.53 17.34 9.34
CA ILE D 38 17.20 16.93 9.77
C ILE D 38 16.29 16.82 8.57
N VAL D 39 15.48 15.77 8.54
CA VAL D 39 14.50 15.61 7.47
C VAL D 39 13.10 15.80 8.05
N PHE D 40 12.37 16.77 7.52
CA PHE D 40 11.01 17.06 8.00
C PHE D 40 9.98 16.42 7.08
N GLN D 41 9.01 15.73 7.69
CA GLN D 41 7.99 15.03 6.91
C GLN D 41 6.70 15.82 6.89
N SER D 42 6.00 15.77 5.78
CA SER D 42 4.70 16.39 5.63
C SER D 42 3.70 15.28 5.38
N GLU D 43 2.63 15.25 6.16
CA GLU D 43 1.68 14.14 6.13
C GLU D 43 0.87 14.10 4.83
N ASN D 44 0.83 15.22 4.11
CA ASN D 44 0.22 15.25 2.77
C ASN D 44 1.02 14.52 1.68
N GLY D 45 2.13 13.87 2.06
CA GLY D 45 2.91 13.11 1.09
C GLY D 45 4.29 13.58 0.68
N LEU D 46 4.96 14.31 1.56
CA LEU D 46 6.33 14.72 1.27
C LEU D 46 7.30 14.41 2.39
N LEU D 47 8.49 13.98 2.02
CA LEU D 47 9.61 13.87 2.94
C LEU D 47 10.71 14.83 2.48
N GLY D 48 11.21 15.69 3.37
CA GLY D 48 12.12 16.74 2.94
C GLY D 48 11.63 18.17 2.73
N ILE D 49 10.66 18.61 3.53
CA ILE D 49 10.23 20.03 3.49
C ILE D 49 11.40 21.02 3.55
N GLY D 50 11.36 22.01 2.66
CA GLY D 50 12.37 23.06 2.64
C GLY D 50 11.86 24.39 3.20
N ALA D 51 12.55 25.47 2.84
CA ALA D 51 12.14 26.80 3.26
C ALA D 51 10.92 27.25 2.47
N TYR D 52 10.23 28.26 2.99
CA TYR D 52 9.18 28.92 2.22
C TYR D 52 9.82 29.52 0.99
N PRO D 53 9.08 29.57 -0.12
CA PRO D 53 9.66 30.05 -1.39
C PRO D 53 9.77 31.57 -1.47
N LEU D 54 10.33 32.06 -2.56
CA LEU D 54 10.38 33.49 -2.86
C LEU D 54 9.07 33.93 -3.49
N GLU D 55 8.67 35.19 -3.26
CA GLU D 55 7.48 35.71 -3.95
C GLU D 55 7.72 35.53 -5.44
N GLY D 56 6.79 34.83 -6.11
CA GLY D 56 6.98 34.49 -7.51
C GLY D 56 7.52 33.09 -7.76
N SER D 57 8.15 32.51 -6.74
CA SER D 57 8.66 31.14 -6.84
C SER D 57 7.64 30.13 -6.26
N VAL D 58 6.49 30.65 -5.82
CA VAL D 58 5.43 29.84 -5.26
C VAL D 58 4.88 28.80 -6.26
N ASP D 59 4.50 27.62 -5.76
CA ASP D 59 3.89 26.57 -6.58
C ASP D 59 2.70 25.97 -5.85
N ALA D 60 1.52 26.04 -6.48
CA ALA D 60 0.27 25.56 -5.87
C ALA D 60 0.24 24.05 -5.60
N ASP D 61 1.04 23.28 -6.33
CA ASP D 61 1.07 21.83 -6.13
C ASP D 61 1.96 21.42 -4.97
N LEU D 62 2.61 22.40 -4.36
CA LEU D 62 3.57 22.10 -3.30
C LEU D 62 3.27 22.93 -2.05
N ILE D 63 2.81 22.23 -1.01
CA ILE D 63 2.36 22.88 0.22
C ILE D 63 2.57 21.96 1.41
N ASN D 64 2.61 22.54 2.61
CA ASN D 64 2.69 21.72 3.81
C ASN D 64 1.31 21.36 4.34
N ALA D 65 1.29 20.56 5.40
CA ALA D 65 0.03 20.07 5.95
C ALA D 65 -0.89 21.22 6.42
N GLY D 66 -0.29 22.39 6.66
CA GLY D 66 -1.06 23.57 7.03
C GLY D 66 -1.44 24.43 5.82
N LYS D 67 -1.30 23.84 4.64
CA LYS D 67 -1.69 24.48 3.37
C LYS D 67 -0.85 25.69 3.00
N GLU D 68 0.38 25.77 3.51
CA GLU D 68 1.28 26.86 3.17
C GLU D 68 2.20 26.45 2.02
N THR D 69 2.45 27.38 1.11
CA THR D 69 3.41 27.15 0.04
C THR D 69 4.81 26.93 0.60
N ILE D 70 5.48 25.89 0.13
CA ILE D 70 6.80 25.54 0.62
C ILE D 70 7.70 25.18 -0.54
N THR D 71 8.94 24.80 -0.22
CA THR D 71 9.84 24.21 -1.20
C THR D 71 10.36 22.89 -0.63
N VAL D 72 11.19 22.20 -1.40
CA VAL D 72 11.75 20.93 -0.95
C VAL D 72 13.26 21.04 -0.87
N VAL D 73 13.88 20.17 -0.07
CA VAL D 73 15.33 20.05 -0.04
C VAL D 73 15.83 19.01 -1.03
N PRO D 74 17.12 19.07 -1.40
CA PRO D 74 17.72 18.03 -2.23
C PRO D 74 17.52 16.66 -1.60
N GLY D 75 17.15 15.66 -2.39
CA GLY D 75 16.88 14.33 -1.87
C GLY D 75 15.50 14.19 -1.25
N ALA D 76 14.60 15.10 -1.58
CA ALA D 76 13.23 14.98 -1.08
C ALA D 76 12.49 13.92 -1.88
N SER D 77 11.39 13.40 -1.32
CA SER D 77 10.55 12.46 -2.06
C SER D 77 9.07 12.76 -1.84
N PHE D 78 8.25 12.43 -2.85
CA PHE D 78 6.80 12.58 -2.73
C PHE D 78 6.17 11.19 -2.72
N PHE D 79 5.01 11.08 -2.09
CA PHE D 79 4.26 9.82 -2.07
C PHE D 79 2.79 10.12 -1.80
N ASN D 80 1.95 9.09 -1.83
CA ASN D 80 0.52 9.31 -1.64
C ASN D 80 0.17 9.28 -0.15
N SER D 81 -1.07 9.59 0.19
CA SER D 81 -1.44 9.76 1.60
C SER D 81 -1.36 8.47 2.40
N ALA D 82 -1.68 7.35 1.76
CA ALA D 82 -1.60 6.05 2.43
C ALA D 82 -0.15 5.67 2.67
N ASP D 83 0.71 5.93 1.69
CA ASP D 83 2.15 5.78 1.87
C ASP D 83 2.56 6.62 3.06
N SER D 84 2.01 7.83 3.12
CA SER D 84 2.39 8.79 4.12
C SER D 84 2.05 8.29 5.51
N PHE D 85 0.83 7.82 5.69
CA PHE D 85 0.45 7.35 7.02
C PHE D 85 0.92 5.94 7.31
N ALA D 86 1.42 5.24 6.30
CA ALA D 86 2.12 3.98 6.56
C ALA D 86 3.45 4.30 7.24
N MSE D 87 4.09 5.36 6.76
CA MSE D 87 5.35 5.80 7.32
C MSE D 87 5.15 6.21 8.78
O MSE D 87 5.93 5.85 9.66
CB MSE D 87 5.85 6.98 6.48
CG MSE D 87 7.22 7.52 6.81
SE MSE D 87 7.69 8.94 5.53
CE MSE D 87 7.29 8.04 3.87
N ILE D 88 4.08 6.97 9.03
CA ILE D 88 3.80 7.46 10.37
C ILE D 88 3.33 6.34 11.30
N ARG D 89 2.36 5.56 10.85
CA ARG D 89 1.79 4.52 11.68
C ARG D 89 2.80 3.39 11.88
N GLY D 90 3.67 3.21 10.90
CA GLY D 90 4.66 2.14 10.93
C GLY D 90 5.83 2.40 11.87
N GLY D 91 5.82 3.55 12.55
CA GLY D 91 6.83 3.86 13.54
C GLY D 91 8.15 4.37 12.97
N HIS D 92 8.11 4.86 11.74
CA HIS D 92 9.33 5.32 11.09
C HIS D 92 9.73 6.76 11.45
N ILE D 93 8.78 7.56 11.91
CA ILE D 93 9.08 8.94 12.30
C ILE D 93 9.67 9.00 13.72
N ASP D 94 10.85 9.62 13.85
CA ASP D 94 11.53 9.69 15.14
C ASP D 94 10.80 10.59 16.15
N LEU D 95 10.30 11.71 15.67
CA LEU D 95 9.75 12.72 16.56
C LEU D 95 8.54 13.42 15.96
N ALA D 96 7.46 13.50 16.73
CA ALA D 96 6.34 14.33 16.34
C ALA D 96 6.16 15.40 17.39
N ILE D 97 6.19 16.65 16.95
CA ILE D 97 5.92 17.79 17.83
C ILE D 97 4.53 18.35 17.49
N LEU D 98 3.67 18.44 18.51
CA LEU D 98 2.31 18.92 18.33
C LEU D 98 1.98 20.05 19.30
N GLY D 99 0.99 20.87 18.94
CA GLY D 99 0.43 21.83 19.86
C GLY D 99 -0.69 21.15 20.64
N GLY D 100 -1.25 21.84 21.63
CA GLY D 100 -2.39 21.30 22.34
C GLY D 100 -3.24 22.35 23.01
N MSE D 101 -4.51 22.04 23.18
CA MSE D 101 -5.41 22.81 24.03
C MSE D 101 -5.30 22.35 25.48
O MSE D 101 -5.45 23.15 26.40
CB MSE D 101 -6.85 22.68 23.52
CG MSE D 101 -6.98 23.04 22.04
SE MSE D 101 -8.64 22.37 21.23
CE MSE D 101 -8.69 20.59 22.04
N GLU D 102 -5.08 21.05 25.68
CA GLU D 102 -4.95 20.48 27.02
C GLU D 102 -4.04 19.24 27.05
N VAL D 103 -3.35 19.07 28.16
CA VAL D 103 -2.58 17.84 28.43
C VAL D 103 -2.86 17.45 29.88
N SER D 104 -3.02 16.15 30.14
CA SER D 104 -3.30 15.72 31.50
C SER D 104 -2.12 14.97 32.08
N GLN D 105 -2.22 14.57 33.34
CA GLN D 105 -1.09 13.99 34.04
C GLN D 105 -0.83 12.56 33.60
N ASN D 106 -1.78 12.01 32.85
CA ASN D 106 -1.67 10.65 32.37
C ASN D 106 -1.04 10.61 30.98
N GLY D 107 -0.65 11.78 30.47
CA GLY D 107 -0.06 11.89 29.15
C GLY D 107 -1.09 11.98 28.04
N ASP D 108 -2.32 12.32 28.39
CA ASP D 108 -3.39 12.46 27.41
C ASP D 108 -3.36 13.86 26.80
N LEU D 109 -3.61 13.94 25.49
CA LEU D 109 -3.61 15.20 24.76
C LEU D 109 -4.99 15.43 24.16
N ALA D 110 -5.48 16.65 24.27
CA ALA D 110 -6.68 17.05 23.56
C ALA D 110 -6.30 18.20 22.66
N ASN D 111 -6.31 17.98 21.35
CA ASN D 111 -5.97 19.05 20.43
C ASN D 111 -6.87 19.23 19.22
N TRP D 112 -7.97 18.51 19.14
CA TRP D 112 -8.80 18.61 17.94
C TRP D 112 -10.16 19.29 18.03
N MSE D 113 -10.81 19.26 19.17
CA MSE D 113 -12.09 19.91 19.21
C MSE D 113 -12.53 20.46 20.55
O MSE D 113 -12.14 19.98 21.60
CB MSE D 113 -13.18 19.00 18.65
CG MSE D 113 -13.97 18.25 19.69
SE MSE D 113 -15.47 17.37 18.89
CE MSE D 113 -16.16 18.83 17.87
N ILE D 114 -13.34 21.51 20.48
CA ILE D 114 -13.98 22.07 21.64
C ILE D 114 -15.46 21.94 21.30
N PRO D 115 -16.15 21.18 22.12
CA PRO D 115 -17.57 20.89 21.86
C PRO D 115 -18.43 22.13 21.68
N LYS D 116 -19.19 22.15 20.60
CA LYS D 116 -20.11 23.25 20.29
C LYS D 116 -19.39 24.59 20.21
N LYS D 117 -18.09 24.56 19.99
CA LYS D 117 -17.30 25.79 19.81
C LYS D 117 -16.38 25.69 18.59
N LEU D 118 -15.40 24.80 18.66
CA LEU D 118 -14.47 24.58 17.55
C LEU D 118 -14.39 23.09 17.21
N ILE D 119 -14.96 22.74 16.06
CA ILE D 119 -15.07 21.33 15.65
C ILE D 119 -14.07 20.83 14.61
N LYS D 120 -13.09 21.65 14.24
CA LYS D 120 -12.46 21.52 12.93
C LYS D 120 -12.08 20.09 12.49
N GLY D 121 -11.27 19.40 13.29
CA GLY D 121 -10.96 18.00 13.01
C GLY D 121 -9.64 17.56 13.60
N MSE D 122 -9.35 16.27 13.54
CA MSE D 122 -8.06 15.77 14.03
C MSE D 122 -6.95 15.75 12.98
O MSE D 122 -5.76 15.72 13.32
CB MSE D 122 -8.22 14.37 14.66
CG MSE D 122 -8.50 13.21 13.68
SE MSE D 122 -10.35 13.16 13.02
CE MSE D 122 -11.26 13.17 14.75
N GLY D 123 -7.32 15.80 11.70
CA GLY D 123 -6.32 15.67 10.64
C GLY D 123 -5.52 14.39 10.83
N GLY D 124 -4.20 14.54 10.92
CA GLY D 124 -3.29 13.40 11.11
C GLY D 124 -2.74 13.30 12.53
N ALA D 125 -3.26 14.14 13.42
CA ALA D 125 -2.73 14.19 14.79
C ALA D 125 -2.90 12.88 15.56
N MSE D 126 -4.03 12.18 15.35
CA MSE D 126 -4.26 10.91 16.03
C MSE D 126 -3.31 9.82 15.54
O MSE D 126 -2.94 8.93 16.30
CB MSE D 126 -5.70 10.44 15.86
CG MSE D 126 -6.63 10.99 16.92
SE MSE D 126 -8.49 10.52 16.61
CE MSE D 126 -9.28 11.85 17.81
N ASP D 127 -2.94 9.87 14.27
CA ASP D 127 -1.97 8.92 13.76
C ASP D 127 -0.60 9.23 14.34
N LEU D 128 -0.23 10.51 14.30
CA LEU D 128 1.08 10.92 14.78
C LEU D 128 1.32 10.57 16.25
N VAL D 129 0.30 10.71 17.09
CA VAL D 129 0.50 10.48 18.53
C VAL D 129 0.78 9.00 18.84
N HIS D 130 0.25 8.11 18.00
CA HIS D 130 0.55 6.69 18.13
C HIS D 130 1.83 6.20 17.44
N GLY D 131 2.10 6.74 16.24
CA GLY D 131 3.23 6.29 15.44
C GLY D 131 4.61 6.79 15.81
N ALA D 132 4.72 8.08 16.15
CA ALA D 132 6.03 8.70 16.38
C ALA D 132 6.80 8.02 17.50
N LYS D 133 8.10 7.87 17.33
CA LYS D 133 8.92 7.21 18.34
C LYS D 133 8.87 7.99 19.63
N LYS D 134 8.96 9.31 19.49
CA LYS D 134 8.79 10.21 20.61
C LYS D 134 7.80 11.30 20.22
N VAL D 135 6.84 11.57 21.11
CA VAL D 135 5.82 12.58 20.89
C VAL D 135 6.01 13.72 21.87
N ILE D 136 6.24 14.92 21.34
CA ILE D 136 6.41 16.10 22.17
C ILE D 136 5.28 17.08 21.94
N VAL D 137 4.67 17.55 23.02
CA VAL D 137 3.67 18.60 22.96
C VAL D 137 4.28 19.89 23.49
N ILE D 138 4.10 20.98 22.74
CA ILE D 138 4.54 22.29 23.19
C ILE D 138 3.33 23.21 23.19
N MSE D 139 3.26 24.09 24.19
CA MSE D 139 1.97 24.71 24.48
C MSE D 139 2.13 25.73 25.58
O MSE D 139 3.04 25.62 26.41
CB MSE D 139 1.04 23.59 24.94
CG MSE D 139 -0.37 23.96 25.35
SE MSE D 139 -1.29 22.42 26.15
CE MSE D 139 -0.31 22.28 27.83
N GLU D 140 1.22 26.69 25.60
CA GLU D 140 1.27 27.73 26.61
C GLU D 140 0.68 27.11 27.86
N HIS D 141 1.20 27.48 29.02
CA HIS D 141 0.81 26.81 30.25
C HIS D 141 -0.65 27.11 30.59
N CYS D 142 -1.04 28.37 30.50
CA CYS D 142 -2.40 28.77 30.82
C CYS D 142 -2.99 29.47 29.61
N ASN D 143 -4.30 29.59 29.57
CA ASN D 143 -4.92 30.28 28.44
C ASN D 143 -5.11 31.77 28.70
N LYS D 144 -5.79 32.42 27.76
CA LYS D 144 -6.09 33.84 27.81
C LYS D 144 -6.62 34.27 29.18
N TYR D 145 -7.49 33.43 29.74
CA TYR D 145 -8.23 33.76 30.96
C TYR D 145 -7.65 33.25 32.28
N GLY D 146 -6.44 32.69 32.22
CA GLY D 146 -5.75 32.25 33.41
C GLY D 146 -5.98 30.79 33.75
N GLU D 147 -6.73 30.07 32.91
CA GLU D 147 -7.04 28.68 33.18
C GLU D 147 -5.87 27.78 32.82
N SER D 148 -5.53 26.85 33.71
CA SER D 148 -4.47 25.88 33.44
C SER D 148 -4.88 24.91 32.35
N LYS D 149 -3.99 24.72 31.38
CA LYS D 149 -4.16 23.73 30.32
C LYS D 149 -3.40 22.44 30.63
N VAL D 150 -2.69 22.41 31.76
CA VAL D 150 -2.07 21.19 32.24
C VAL D 150 -2.94 20.63 33.37
N LYS D 151 -3.64 19.54 33.10
CA LYS D 151 -4.78 19.15 33.95
C LYS D 151 -4.68 17.75 34.53
N LYS D 152 -5.48 17.48 35.56
CA LYS D 152 -5.57 16.15 36.14
C LYS D 152 -6.15 15.19 35.11
N GLU D 153 -7.18 15.66 34.41
CA GLU D 153 -7.69 14.97 33.23
C GLU D 153 -8.30 15.99 32.26
N CYS D 154 -8.18 15.71 30.97
CA CYS D 154 -8.67 16.63 29.96
C CYS D 154 -10.20 16.77 30.04
N SER D 155 -10.69 17.99 29.85
CA SER D 155 -12.13 18.20 29.71
C SER D 155 -12.58 18.24 28.26
N LEU D 156 -11.63 18.35 27.34
CA LEU D 156 -11.91 18.30 25.91
C LEU D 156 -11.75 16.88 25.38
N PRO D 157 -12.39 16.58 24.25
CA PRO D 157 -12.19 15.28 23.57
C PRO D 157 -10.71 14.98 23.30
N LEU D 158 -10.28 13.77 23.65
CA LEU D 158 -8.88 13.40 23.53
C LEU D 158 -8.42 13.17 22.08
N THR D 159 -7.20 13.59 21.81
CA THR D 159 -6.53 13.17 20.59
C THR D 159 -5.90 11.81 20.80
N GLY D 160 -5.38 11.58 22.01
CA GLY D 160 -4.87 10.29 22.40
C GLY D 160 -4.80 10.13 23.91
N LYS D 161 -4.82 8.88 24.36
CA LYS D 161 -4.70 8.57 25.78
C LYS D 161 -3.30 8.07 26.07
N GLY D 162 -2.64 8.65 27.08
CA GLY D 162 -1.29 8.25 27.45
C GLY D 162 -0.31 8.23 26.28
N VAL D 163 -0.46 9.16 25.35
CA VAL D 163 0.43 9.27 24.19
C VAL D 163 1.58 10.29 24.27
N VAL D 164 1.57 11.18 25.26
CA VAL D 164 2.59 12.23 25.32
C VAL D 164 3.81 11.82 26.15
N HIS D 165 4.99 11.83 25.53
CA HIS D 165 6.24 11.53 26.23
C HIS D 165 6.77 12.74 26.96
N GLN D 166 6.72 13.89 26.29
CA GLN D 166 7.26 15.11 26.84
C GLN D 166 6.36 16.32 26.53
N LEU D 167 6.24 17.22 27.49
CA LEU D 167 5.46 18.43 27.33
C LEU D 167 6.33 19.61 27.71
N ILE D 168 6.34 20.62 26.84
CA ILE D 168 7.11 21.84 27.07
C ILE D 168 6.17 23.04 27.06
N THR D 169 6.14 23.77 28.17
CA THR D 169 5.37 25.00 28.21
C THR D 169 6.31 26.16 28.50
N ASP D 170 5.76 27.38 28.53
CA ASP D 170 6.51 28.58 28.86
C ASP D 170 6.97 28.58 30.32
N LEU D 171 6.39 27.70 31.12
CA LEU D 171 6.75 27.59 32.53
C LEU D 171 7.76 26.49 32.78
N ALA D 172 7.41 25.26 32.42
CA ALA D 172 8.25 24.11 32.75
C ALA D 172 8.41 23.09 31.63
N VAL D 173 9.14 22.02 31.95
CA VAL D 173 9.24 20.86 31.09
C VAL D 173 8.83 19.60 31.87
N PHE D 174 7.86 18.86 31.34
CA PHE D 174 7.38 17.65 31.99
C PHE D 174 7.67 16.41 31.15
N GLU D 175 7.89 15.28 31.82
CA GLU D 175 8.05 14.00 31.14
C GLU D 175 7.03 13.00 31.70
N PHE D 176 6.68 12.00 30.89
CA PHE D 176 5.65 11.04 31.30
C PHE D 176 6.14 9.60 31.30
N SER D 177 6.02 8.95 32.45
CA SER D 177 6.35 7.53 32.57
C SER D 177 5.33 6.83 33.45
N ASN D 178 4.75 5.75 32.94
CA ASN D 178 3.75 4.96 33.63
C ASN D 178 2.68 5.77 34.36
N ASN D 179 1.88 6.51 33.61
CA ASN D 179 0.74 7.24 34.15
C ASN D 179 1.12 8.39 35.07
N ALA D 180 2.42 8.53 35.34
CA ALA D 180 2.93 9.57 36.22
C ALA D 180 3.52 10.74 35.42
N MSE D 181 3.28 11.95 35.89
CA MSE D 181 3.89 13.14 35.29
C MSE D 181 5.03 13.60 36.19
O MSE D 181 4.93 13.52 37.42
CB MSE D 181 2.86 14.25 35.11
CG MSE D 181 3.31 15.36 34.15
SE MSE D 181 2.01 16.79 34.00
CE MSE D 181 2.59 17.62 32.34
N LYS D 182 6.10 14.07 35.59
CA LYS D 182 7.25 14.51 36.37
C LYS D 182 7.80 15.83 35.83
N LEU D 183 7.97 16.80 36.72
CA LEU D 183 8.57 18.06 36.32
C LEU D 183 10.09 17.89 36.28
N VAL D 184 10.67 17.99 35.10
CA VAL D 184 12.12 17.84 34.98
C VAL D 184 12.95 19.13 34.83
N GLU D 185 12.29 20.24 34.48
CA GLU D 185 12.99 21.50 34.26
C GLU D 185 12.09 22.69 34.50
N LEU D 186 12.68 23.79 34.95
CA LEU D 186 11.98 25.05 35.01
C LEU D 186 12.50 25.91 33.87
N GLN D 187 11.61 26.62 33.19
CA GLN D 187 12.02 27.62 32.23
C GLN D 187 12.73 28.74 32.98
N GLU D 188 13.65 29.43 32.30
CA GLU D 188 14.41 30.49 32.92
C GLU D 188 13.51 31.56 33.53
N GLY D 189 13.74 31.86 34.80
CA GLY D 189 12.97 32.88 35.49
C GLY D 189 11.62 32.42 35.99
N VAL D 190 11.47 31.10 36.13
CA VAL D 190 10.24 30.53 36.68
C VAL D 190 10.56 29.73 37.93
N SER D 191 9.71 29.85 38.94
CA SER D 191 9.96 29.20 40.23
C SER D 191 9.11 27.95 40.38
N LEU D 192 9.64 26.95 41.09
CA LEU D 192 8.86 25.74 41.38
C LEU D 192 7.47 26.08 41.92
N ASP D 193 7.43 27.02 42.87
CA ASP D 193 6.17 27.49 43.44
C ASP D 193 5.24 28.03 42.37
N GLN D 194 5.80 28.80 41.45
CA GLN D 194 5.06 29.35 40.33
C GLN D 194 4.37 28.24 39.53
N VAL D 195 5.12 27.18 39.24
CA VAL D 195 4.59 26.08 38.45
C VAL D 195 3.52 25.32 39.24
N LYS D 196 3.83 24.98 40.48
CA LYS D 196 2.90 24.24 41.32
C LYS D 196 1.55 24.97 41.41
N GLU D 197 1.61 26.29 41.27
CA GLU D 197 0.42 27.13 41.38
C GLU D 197 -0.43 27.10 40.11
N LYS D 198 0.22 27.12 38.96
CA LYS D 198 -0.48 27.21 37.68
C LYS D 198 -0.76 25.85 37.05
N THR D 199 -0.46 24.79 37.79
CA THR D 199 -0.65 23.42 37.32
C THR D 199 -1.66 22.64 38.18
N GLU D 200 -2.74 22.18 37.55
CA GLU D 200 -3.71 21.32 38.24
C GLU D 200 -3.21 19.88 38.32
N ALA D 201 -2.54 19.43 37.27
CA ALA D 201 -2.03 18.07 37.21
C ALA D 201 -1.16 17.74 38.42
N GLU D 202 -1.27 16.51 38.91
CA GLU D 202 -0.37 16.04 39.95
C GLU D 202 0.92 15.56 39.28
N PHE D 203 2.05 15.95 39.84
CA PHE D 203 3.33 15.58 39.28
C PHE D 203 4.41 15.47 40.35
N GLU D 204 5.37 14.58 40.14
CA GLU D 204 6.52 14.49 41.02
C GLU D 204 7.64 15.37 40.49
N VAL D 205 8.30 16.11 41.37
CA VAL D 205 9.35 17.03 40.95
C VAL D 205 10.71 16.36 40.87
N ARG D 206 11.34 16.45 39.70
CA ARG D 206 12.72 15.98 39.54
C ARG D 206 13.56 17.08 38.90
N LEU D 207 14.46 17.66 39.68
CA LEU D 207 15.26 18.79 39.20
C LEU D 207 16.72 18.64 39.59
C1 GOL E . -13.08 -0.09 -10.92
O1 GOL E . -12.46 1.19 -11.01
C2 GOL E . -12.62 -0.89 -9.70
O2 GOL E . -13.03 -2.24 -9.86
C3 GOL E . -13.22 -0.34 -8.40
O3 GOL E . -12.41 -0.56 -7.25
#